data_6XN1
#
_entry.id   6XN1
#
_cell.length_a   65.431
_cell.length_b   165.682
_cell.length_c   159.109
_cell.angle_alpha   90.000
_cell.angle_beta   90.000
_cell.angle_gamma   90.000
#
_symmetry.space_group_name_H-M   'C 2 2 21'
#
loop_
_entity.id
_entity.type
_entity.pdbx_description
1 polymer Xylosidase
2 non-polymer 'CALCIUM ION'
3 non-polymer beta-D-xylopyranose
4 non-polymer DI(HYDROXYETHYL)ETHER
5 non-polymer GLYCEROL
6 water water
#
_entity_poly.entity_id   1
_entity_poly.type   'polypeptide(L)'
_entity_poly.pdbx_seq_one_letter_code
;MGSSHHHHHHSSGLVPRGSHMSDELQAASLQALARTAISAPLVTHLYTADPSAHVFDGALYIYPSHDLDAGVAFSDDGSH
FDMADYHVLRMAHPGAAVEDLGQVLHVRDVPWAQRQMWAPDAAQRNGKTYLYFPAKRADGMFQIGVAVGDRPEGPFVAEP
QPIAGTYSIDPAVLADDDGAHYLYFGGIWGGQLQHYRDNAYAQTHQEPVGDAPALGPRVARLHERMIDLAEPSREVVILD
EHGTPLRADDHARRFFEGPWVHQHAGRYYLSYSTGDTHRICYATSDSPYGPFTYQGVLLAPVVGWTTHHSICLFQQQWYL
FYHDSVLSGGQTHLRSIKMAPLAHAADGTIATIYPYGEDAVSPW
;
_entity_poly.pdbx_strand_id   A,B
#
loop_
_chem_comp.id
_chem_comp.type
_chem_comp.name
_chem_comp.formula
CA non-polymer 'CALCIUM ION' 'Ca 2'
GOL non-polymer GLYCEROL 'C3 H8 O3'
PEG non-polymer DI(HYDROXYETHYL)ETHER 'C4 H10 O3'
XYP D-saccharide, beta linking beta-D-xylopyranose 'C5 H10 O5'
#
# COMPACT_ATOMS: atom_id res chain seq x y z
N ALA A 27 6.43 -10.94 22.43
CA ALA A 27 5.77 -9.97 21.56
C ALA A 27 6.78 -9.09 20.84
N ALA A 28 7.95 -9.67 20.55
CA ALA A 28 8.97 -8.97 19.76
C ALA A 28 9.14 -9.67 18.42
N SER A 29 8.84 -10.96 18.40
CA SER A 29 8.77 -11.71 17.16
C SER A 29 7.62 -11.13 16.30
N LEU A 30 6.58 -10.65 16.98
CA LEU A 30 5.51 -9.90 16.32
C LEU A 30 6.04 -8.60 15.71
N GLN A 31 7.03 -8.01 16.37
CA GLN A 31 7.47 -6.73 15.91
C GLN A 31 8.26 -6.87 14.61
N ALA A 32 9.01 -7.95 14.46
CA ALA A 32 9.68 -8.24 13.19
C ALA A 32 8.68 -8.28 12.03
N LEU A 33 7.52 -8.90 12.26
CA LEU A 33 6.54 -9.07 11.19
C LEU A 33 5.89 -7.75 10.81
N ALA A 34 5.52 -6.93 11.81
CA ALA A 34 5.00 -5.59 11.53
C ALA A 34 6.00 -4.80 10.65
N ARG A 35 7.29 -4.95 10.93
CA ARG A 35 8.31 -4.19 10.21
C ARG A 35 8.34 -4.58 8.74
N THR A 36 8.18 -5.88 8.44
CA THR A 36 8.31 -6.35 7.07
C THR A 36 6.96 -6.67 6.41
N ALA A 37 5.85 -6.24 7.01
CA ALA A 37 4.54 -6.45 6.40
C ALA A 37 4.49 -5.84 4.99
N ILE A 38 3.90 -6.57 4.05
CA ILE A 38 3.86 -6.08 2.67
C ILE A 38 2.69 -5.14 2.44
N SER A 39 1.75 -5.12 3.38
CA SER A 39 0.57 -4.28 3.29
C SER A 39 0.37 -3.54 4.58
N ALA A 40 -0.05 -2.28 4.47
CA ALA A 40 -0.51 -1.55 5.62
C ALA A 40 -2.00 -1.79 5.77
N PRO A 41 -2.51 -1.67 7.00
CA PRO A 41 -3.96 -1.71 7.22
C PRO A 41 -4.72 -0.73 6.34
N LEU A 42 -5.73 -1.15 5.60
CA LEU A 42 -6.46 -0.24 4.73
C LEU A 42 -7.17 0.86 5.51
N VAL A 43 -7.67 0.53 6.69
CA VAL A 43 -8.24 1.50 7.62
C VAL A 43 -7.82 1.14 9.03
N THR A 44 -7.83 2.13 9.93
CA THR A 44 -7.33 1.93 11.28
C THR A 44 -8.27 2.50 12.34
N HIS A 45 -9.30 3.24 11.94
CA HIS A 45 -10.23 3.84 12.91
C HIS A 45 -11.27 2.85 13.41
N LEU A 46 -11.43 1.72 12.73
CA LEU A 46 -12.22 0.60 13.22
C LEU A 46 -11.52 -0.70 12.85
N TYR A 47 -11.76 -1.76 13.59
CA TYR A 47 -11.22 -3.07 13.23
C TYR A 47 -12.07 -3.69 12.13
N THR A 48 -11.40 -4.24 11.11
CA THR A 48 -12.09 -4.85 9.97
C THR A 48 -11.53 -6.23 9.68
N ALA A 49 -12.36 -7.11 9.13
CA ALA A 49 -11.97 -8.49 8.87
C ALA A 49 -12.71 -9.01 7.66
N ASP A 50 -12.31 -10.18 7.17
CA ASP A 50 -13.13 -10.94 6.24
C ASP A 50 -13.49 -10.15 4.98
N PRO A 51 -12.51 -9.50 4.35
CA PRO A 51 -12.87 -8.53 3.29
C PRO A 51 -13.39 -9.15 2.00
N SER A 52 -14.60 -8.75 1.61
CA SER A 52 -15.15 -9.12 0.30
C SER A 52 -15.13 -7.93 -0.67
N ALA A 53 -14.28 -7.99 -1.69
CA ALA A 53 -14.11 -6.85 -2.59
C ALA A 53 -14.84 -7.09 -3.91
N HIS A 54 -15.48 -6.02 -4.40
CA HIS A 54 -16.23 -6.05 -5.65
C HIS A 54 -16.04 -4.73 -6.40
N VAL A 55 -16.08 -4.79 -7.73
CA VAL A 55 -16.18 -3.58 -8.51
C VAL A 55 -17.62 -3.40 -8.93
N PHE A 56 -18.26 -2.42 -8.31
CA PHE A 56 -19.63 -2.03 -8.60
C PHE A 56 -19.58 -0.58 -9.07
N ASP A 57 -20.25 -0.30 -10.18
CA ASP A 57 -20.49 1.09 -10.57
C ASP A 57 -19.18 1.89 -10.61
N GLY A 58 -18.19 1.33 -11.31
CA GLY A 58 -16.92 2.01 -11.56
C GLY A 58 -15.96 2.14 -10.39
N ALA A 59 -16.34 1.65 -9.21
CA ALA A 59 -15.46 1.76 -8.04
C ALA A 59 -15.33 0.42 -7.32
N LEU A 60 -14.37 0.38 -6.41
CA LEU A 60 -14.11 -0.80 -5.60
C LEU A 60 -14.81 -0.68 -4.25
N TYR A 61 -15.79 -1.53 -4.00
CA TYR A 61 -16.46 -1.59 -2.71
C TYR A 61 -15.97 -2.80 -1.93
N ILE A 62 -15.75 -2.63 -0.63
CA ILE A 62 -15.33 -3.74 0.24
C ILE A 62 -16.37 -3.92 1.34
N TYR A 63 -16.77 -5.16 1.56
CA TYR A 63 -17.77 -5.54 2.53
C TYR A 63 -17.07 -6.44 3.53
N PRO A 64 -16.56 -5.84 4.61
CA PRO A 64 -15.86 -6.62 5.62
C PRO A 64 -16.73 -6.77 6.84
N SER A 65 -16.33 -7.63 7.74
CA SER A 65 -16.97 -7.68 9.03
C SER A 65 -16.40 -6.58 9.94
N HIS A 66 -17.08 -6.26 11.02
CA HIS A 66 -16.63 -5.16 11.88
C HIS A 66 -16.33 -5.66 13.29
N ASP A 67 -15.05 -5.89 13.58
CA ASP A 67 -14.64 -6.40 14.89
C ASP A 67 -14.84 -5.34 15.94
N LEU A 68 -15.43 -5.70 17.07
CA LEU A 68 -15.67 -4.73 18.13
C LEU A 68 -14.71 -4.94 19.29
N ASP A 69 -14.14 -3.84 19.78
CA ASP A 69 -13.25 -3.89 20.93
C ASP A 69 -14.08 -3.75 22.21
N ALA A 70 -14.47 -4.88 22.77
CA ALA A 70 -15.29 -4.91 23.98
C ALA A 70 -14.49 -4.43 25.19
N HIS A 80 -13.61 -12.52 22.01
CA HIS A 80 -14.63 -13.27 21.28
C HIS A 80 -15.21 -12.46 20.09
N PHE A 81 -15.74 -13.18 19.11
CA PHE A 81 -16.24 -12.60 17.87
C PHE A 81 -17.72 -12.25 17.97
N ASP A 82 -18.01 -11.11 18.58
CA ASP A 82 -19.39 -10.70 18.83
C ASP A 82 -19.79 -9.49 18.00
N MET A 83 -19.46 -9.55 16.72
CA MET A 83 -19.71 -8.45 15.83
C MET A 83 -21.20 -8.25 15.64
N ALA A 84 -21.61 -7.02 15.39
CA ALA A 84 -23.04 -6.70 15.41
C ALA A 84 -23.49 -5.89 14.19
N ASP A 85 -22.53 -5.43 13.38
CA ASP A 85 -22.88 -4.53 12.28
C ASP A 85 -21.91 -4.61 11.13
N TYR A 86 -22.32 -4.02 10.01
CA TYR A 86 -21.44 -3.95 8.87
C TYR A 86 -21.28 -2.53 8.37
N HIS A 87 -20.05 -2.21 7.96
CA HIS A 87 -19.76 -1.01 7.20
C HIS A 87 -19.46 -1.38 5.76
N VAL A 88 -19.50 -0.39 4.89
CA VAL A 88 -19.01 -0.57 3.53
C VAL A 88 -17.87 0.41 3.32
N LEU A 89 -16.80 -0.08 2.69
CA LEU A 89 -15.62 0.75 2.37
C LEU A 89 -15.53 0.90 0.87
N ARG A 90 -14.83 1.95 0.42
CA ARG A 90 -14.68 2.19 -1.01
C ARG A 90 -13.33 2.78 -1.43
N MET A 91 -12.76 2.28 -2.51
CA MET A 91 -11.67 2.94 -3.21
C MET A 91 -12.24 3.42 -4.53
N ALA A 92 -12.27 4.73 -4.73
CA ALA A 92 -12.90 5.31 -5.93
C ALA A 92 -12.16 4.93 -7.19
N HIS A 93 -10.87 4.72 -7.05
CA HIS A 93 -10.05 4.37 -8.19
C HIS A 93 -8.80 3.68 -7.65
N PRO A 94 -8.03 3.05 -8.53
CA PRO A 94 -6.83 2.40 -7.98
C PRO A 94 -5.91 3.38 -7.25
N GLY A 95 -5.38 2.94 -6.12
CA GLY A 95 -4.47 3.75 -5.32
C GLY A 95 -5.17 4.77 -4.44
N ALA A 96 -6.48 4.90 -4.59
CA ALA A 96 -7.22 5.92 -3.85
C ALA A 96 -7.20 5.67 -2.34
N ALA A 97 -7.37 6.74 -1.58
CA ALA A 97 -7.54 6.59 -0.14
C ALA A 97 -8.81 5.81 0.06
N VAL A 98 -8.87 5.00 1.13
CA VAL A 98 -10.03 4.16 1.41
C VAL A 98 -11.07 4.93 2.21
N GLU A 99 -12.30 4.96 1.69
CA GLU A 99 -13.37 5.69 2.34
C GLU A 99 -14.19 4.74 3.19
N ASP A 100 -14.59 5.19 4.37
CA ASP A 100 -15.51 4.43 5.19
C ASP A 100 -16.92 5.03 5.00
N LEU A 101 -17.81 4.29 4.34
CA LEU A 101 -19.08 4.84 3.90
C LEU A 101 -20.11 4.70 5.01
N GLY A 102 -19.64 4.21 6.15
CA GLY A 102 -20.46 4.15 7.35
C GLY A 102 -21.12 2.81 7.59
N GLN A 103 -21.90 2.71 8.66
CA GLN A 103 -22.60 1.47 8.97
C GLN A 103 -23.82 1.33 8.06
N VAL A 104 -24.05 0.12 7.55
CA VAL A 104 -25.14 -0.07 6.59
C VAL A 104 -26.16 -1.13 7.04
N LEU A 105 -25.85 -1.86 8.09
CA LEU A 105 -26.72 -2.91 8.59
C LEU A 105 -26.34 -3.24 10.03
N HIS A 106 -27.33 -3.37 10.90
CA HIS A 106 -27.10 -3.74 12.29
C HIS A 106 -28.01 -4.89 12.65
N VAL A 107 -27.52 -5.80 13.51
CA VAL A 107 -28.26 -7.00 13.87
C VAL A 107 -29.62 -6.70 14.54
N ARG A 108 -29.80 -5.49 15.04
CA ARG A 108 -31.07 -5.17 15.69
C ARG A 108 -32.18 -5.07 14.65
N ASP A 109 -31.81 -4.87 13.39
CA ASP A 109 -32.78 -4.80 12.29
C ASP A 109 -32.87 -6.11 11.52
N VAL A 110 -32.22 -7.14 12.05
CA VAL A 110 -32.31 -8.48 11.48
C VAL A 110 -33.15 -9.35 12.41
N PRO A 111 -34.45 -9.48 12.11
CA PRO A 111 -35.31 -10.02 13.16
C PRO A 111 -35.05 -11.49 13.49
N TRP A 112 -34.59 -12.27 12.53
CA TRP A 112 -34.33 -13.69 12.74
C TRP A 112 -33.03 -13.95 13.49
N ALA A 113 -32.14 -12.95 13.56
CA ALA A 113 -30.79 -13.16 14.10
C ALA A 113 -30.63 -12.57 15.48
N GLN A 114 -29.87 -13.23 16.33
CA GLN A 114 -29.62 -12.73 17.68
C GLN A 114 -28.27 -12.05 17.78
N ARG A 115 -27.27 -12.64 17.15
CA ARG A 115 -25.88 -12.20 17.32
C ARG A 115 -24.90 -12.71 16.25
N GLN A 116 -23.67 -12.18 16.33
CA GLN A 116 -22.51 -12.65 15.59
C GLN A 116 -22.69 -12.47 14.09
N MET A 117 -22.63 -11.20 13.68
CA MET A 117 -22.71 -10.83 12.30
C MET A 117 -21.33 -11.04 11.70
N TRP A 118 -21.12 -12.20 11.07
CA TRP A 118 -19.77 -12.58 10.58
C TRP A 118 -19.53 -12.27 9.10
N ALA A 119 -18.47 -12.87 8.55
CA ALA A 119 -17.98 -12.57 7.18
C ALA A 119 -19.05 -12.44 6.11
N PRO A 120 -19.27 -11.21 5.62
CA PRO A 120 -20.34 -10.94 4.66
C PRO A 120 -19.90 -10.95 3.20
N ASP A 121 -20.84 -10.75 2.29
CA ASP A 121 -20.48 -10.55 0.88
C ASP A 121 -21.59 -9.78 0.21
N ALA A 122 -21.35 -9.38 -1.02
CA ALA A 122 -22.32 -8.58 -1.76
C ALA A 122 -22.44 -9.04 -3.20
N ALA A 123 -23.57 -8.68 -3.81
CA ALA A 123 -23.80 -8.90 -5.21
C ALA A 123 -24.74 -7.83 -5.75
N GLN A 124 -24.73 -7.65 -7.07
CA GLN A 124 -25.67 -6.74 -7.71
C GLN A 124 -26.52 -7.41 -8.79
N ARG A 125 -27.79 -7.02 -8.87
CA ARG A 125 -28.66 -7.44 -9.97
C ARG A 125 -29.83 -6.49 -10.06
N ASN A 126 -30.25 -6.19 -11.28
CA ASN A 126 -31.44 -5.38 -11.50
C ASN A 126 -31.37 -4.03 -10.80
N GLY A 127 -30.17 -3.44 -10.71
CA GLY A 127 -30.03 -2.15 -10.06
C GLY A 127 -30.04 -2.19 -8.56
N LYS A 128 -30.18 -3.39 -7.98
CA LYS A 128 -30.20 -3.53 -6.53
C LYS A 128 -28.86 -4.06 -6.03
N THR A 129 -28.56 -3.79 -4.77
CA THR A 129 -27.38 -4.38 -4.16
C THR A 129 -27.84 -5.24 -3.02
N TYR A 130 -27.29 -6.44 -2.95
CA TYR A 130 -27.72 -7.39 -1.93
C TYR A 130 -26.57 -7.66 -0.98
N LEU A 131 -26.82 -7.55 0.32
CA LEU A 131 -25.76 -7.83 1.29
C LEU A 131 -26.03 -9.20 1.92
N TYR A 132 -25.16 -10.17 1.63
CA TYR A 132 -25.28 -11.52 2.20
C TYR A 132 -24.44 -11.66 3.46
N PHE A 133 -25.03 -12.21 4.52
CA PHE A 133 -24.33 -12.27 5.80
C PHE A 133 -24.74 -13.46 6.64
N PRO A 134 -23.76 -14.06 7.33
CA PRO A 134 -24.03 -15.13 8.26
C PRO A 134 -24.31 -14.54 9.64
N ALA A 135 -25.28 -15.09 10.33
CA ALA A 135 -25.58 -14.62 11.67
C ALA A 135 -26.20 -15.77 12.43
N LYS A 136 -26.21 -15.65 13.76
CA LYS A 136 -26.67 -16.73 14.62
C LYS A 136 -28.06 -16.47 15.16
N ARG A 137 -28.96 -17.44 15.02
CA ARG A 137 -30.30 -17.38 15.60
C ARG A 137 -30.20 -17.53 17.10
N ALA A 138 -31.32 -17.25 17.78
CA ALA A 138 -31.37 -17.33 19.22
C ALA A 138 -31.11 -18.76 19.69
N ASP A 139 -31.46 -19.74 18.88
CA ASP A 139 -31.22 -21.12 19.29
C ASP A 139 -29.78 -21.59 19.03
N GLY A 140 -28.89 -20.66 18.66
CA GLY A 140 -27.47 -20.99 18.46
C GLY A 140 -27.00 -21.43 17.08
N MET A 141 -27.93 -21.59 16.13
CA MET A 141 -27.53 -22.03 14.79
C MET A 141 -27.25 -20.85 13.87
N PHE A 142 -26.11 -20.89 13.17
CA PHE A 142 -25.83 -19.98 12.06
C PHE A 142 -26.71 -20.27 10.85
N GLN A 143 -27.15 -19.20 10.19
CA GLN A 143 -27.72 -19.31 8.86
C GLN A 143 -27.32 -18.07 8.13
N ILE A 144 -27.56 -18.06 6.81
CA ILE A 144 -27.22 -16.91 6.02
C ILE A 144 -28.48 -16.13 5.64
N GLY A 145 -28.46 -14.83 5.89
CA GLY A 145 -29.57 -13.96 5.52
C GLY A 145 -29.11 -12.98 4.47
N VAL A 146 -30.03 -12.16 3.98
CA VAL A 146 -29.68 -11.19 2.95
C VAL A 146 -30.47 -9.88 3.21
N ALA A 147 -29.88 -8.78 2.79
CA ALA A 147 -30.44 -7.45 2.94
C ALA A 147 -30.32 -6.73 1.61
N VAL A 148 -31.31 -5.92 1.28
CA VAL A 148 -31.39 -5.33 -0.04
C VAL A 148 -31.29 -3.80 0.04
N GLY A 149 -30.57 -3.21 -0.89
CA GLY A 149 -30.47 -1.76 -0.95
C GLY A 149 -30.47 -1.26 -2.40
N ASP A 150 -30.64 0.04 -2.58
CA ASP A 150 -30.71 0.57 -3.94
C ASP A 150 -29.38 1.15 -4.43
N ARG A 151 -28.38 1.09 -3.56
CA ARG A 151 -27.02 1.54 -3.88
C ARG A 151 -26.03 0.57 -3.23
N PRO A 152 -24.82 0.47 -3.78
CA PRO A 152 -23.82 -0.43 -3.17
C PRO A 152 -23.40 -0.02 -1.76
N GLU A 153 -23.57 1.24 -1.39
CA GLU A 153 -23.24 1.63 -0.03
C GLU A 153 -24.46 1.55 0.86
N GLY A 154 -25.55 0.97 0.36
CA GLY A 154 -26.76 0.91 1.16
C GLY A 154 -27.45 2.25 1.36
N PRO A 155 -28.25 2.37 2.44
CA PRO A 155 -28.45 1.37 3.50
C PRO A 155 -29.21 0.13 3.02
N PHE A 156 -29.01 -0.97 3.73
CA PHE A 156 -29.59 -2.26 3.36
C PHE A 156 -30.75 -2.61 4.29
N VAL A 157 -31.84 -3.06 3.71
CA VAL A 157 -33.01 -3.50 4.51
C VAL A 157 -33.02 -5.03 4.56
N ALA A 158 -32.81 -5.58 5.75
CA ALA A 158 -32.67 -7.02 5.90
C ALA A 158 -34.01 -7.74 5.76
N GLU A 159 -33.98 -8.86 5.04
CA GLU A 159 -35.13 -9.75 5.00
C GLU A 159 -35.43 -10.25 6.40
N PRO A 160 -36.71 -10.48 6.70
CA PRO A 160 -37.11 -10.93 8.04
C PRO A 160 -36.73 -12.37 8.41
N GLN A 161 -36.55 -13.25 7.42
CA GLN A 161 -36.15 -14.63 7.68
C GLN A 161 -34.84 -14.87 6.96
N PRO A 162 -34.07 -15.89 7.39
CA PRO A 162 -32.83 -16.18 6.66
C PRO A 162 -33.09 -16.85 5.32
N ILE A 163 -32.06 -16.99 4.50
CA ILE A 163 -32.30 -17.64 3.22
C ILE A 163 -32.57 -19.13 3.42
N ALA A 164 -33.71 -19.61 2.92
CA ALA A 164 -34.04 -21.03 3.09
C ALA A 164 -33.02 -21.94 2.42
N GLY A 165 -32.62 -23.00 3.08
CA GLY A 165 -31.65 -23.90 2.49
C GLY A 165 -30.20 -23.51 2.78
N THR A 166 -30.00 -22.41 3.50
CA THR A 166 -28.66 -22.09 3.98
C THR A 166 -28.48 -22.41 5.45
N TYR A 167 -27.22 -22.40 5.85
CA TYR A 167 -26.76 -22.78 7.17
C TYR A 167 -25.26 -22.53 7.17
N SER A 168 -24.64 -22.73 8.32
CA SER A 168 -23.22 -22.41 8.49
C SER A 168 -22.92 -20.96 8.11
N ILE A 169 -21.72 -20.67 7.62
CA ILE A 169 -21.26 -19.29 7.57
C ILE A 169 -20.57 -18.91 6.26
N ASP A 170 -19.98 -17.71 6.22
CA ASP A 170 -19.06 -17.29 5.16
C ASP A 170 -19.58 -17.34 3.72
N PRO A 171 -20.71 -16.66 3.43
CA PRO A 171 -21.24 -16.60 2.06
C PRO A 171 -20.25 -15.96 1.11
N ALA A 172 -20.20 -16.46 -0.12
CA ALA A 172 -19.57 -15.69 -1.17
C ALA A 172 -20.43 -15.84 -2.39
N VAL A 173 -20.78 -14.72 -3.02
CA VAL A 173 -21.62 -14.77 -4.25
C VAL A 173 -20.85 -14.42 -5.51
N LEU A 174 -20.76 -15.39 -6.42
CA LEU A 174 -20.04 -15.22 -7.65
C LEU A 174 -21.00 -14.69 -8.69
N ALA A 175 -20.65 -13.56 -9.30
CA ALA A 175 -21.33 -13.07 -10.49
C ALA A 175 -20.62 -13.65 -11.72
N ASP A 176 -21.15 -14.76 -12.23
CA ASP A 176 -20.61 -15.46 -13.38
C ASP A 176 -20.67 -14.56 -14.60
N ASP A 177 -19.64 -14.60 -15.44
CA ASP A 177 -19.71 -13.93 -16.74
C ASP A 177 -21.00 -14.20 -17.50
N ASP A 178 -21.58 -15.37 -17.31
CA ASP A 178 -22.74 -15.73 -18.11
C ASP A 178 -24.04 -15.16 -17.55
N GLY A 179 -23.95 -14.37 -16.48
CA GLY A 179 -25.12 -13.73 -15.93
C GLY A 179 -25.77 -14.44 -14.75
N ALA A 180 -25.34 -15.67 -14.45
CA ALA A 180 -25.87 -16.34 -13.26
C ALA A 180 -25.10 -15.90 -12.01
N HIS A 181 -25.70 -16.09 -10.84
CA HIS A 181 -25.04 -15.85 -9.57
C HIS A 181 -25.06 -17.14 -8.79
N TYR A 182 -23.95 -17.45 -8.12
CA TYR A 182 -23.83 -18.66 -7.32
C TYR A 182 -23.46 -18.28 -5.90
N LEU A 183 -24.11 -18.91 -4.94
CA LEU A 183 -23.78 -18.68 -3.54
C LEU A 183 -22.93 -19.83 -3.02
N TYR A 184 -21.76 -19.50 -2.48
CA TYR A 184 -20.90 -20.49 -1.84
C TYR A 184 -20.92 -20.19 -0.38
N PHE A 185 -20.91 -21.23 0.46
CA PHE A 185 -20.85 -21.01 1.89
C PHE A 185 -20.26 -22.21 2.60
N GLY A 186 -19.95 -21.98 3.88
CA GLY A 186 -19.50 -23.04 4.78
C GLY A 186 -18.32 -22.69 5.67
N GLY A 187 -18.31 -23.25 6.87
CA GLY A 187 -17.12 -23.22 7.69
C GLY A 187 -17.28 -24.32 8.74
N ILE A 188 -16.20 -25.06 9.03
CA ILE A 188 -16.28 -26.09 10.05
C ILE A 188 -15.91 -25.49 11.42
N TRP A 189 -15.73 -26.37 12.42
CA TRP A 189 -15.54 -25.95 13.82
C TRP A 189 -16.65 -25.00 14.23
N GLY A 190 -16.27 -23.77 14.56
CA GLY A 190 -17.25 -22.78 14.98
C GLY A 190 -18.33 -22.51 13.94
N GLY A 191 -18.01 -22.78 12.68
CA GLY A 191 -18.91 -22.49 11.57
C GLY A 191 -20.06 -23.47 11.42
N GLN A 192 -19.99 -24.59 12.13
CA GLN A 192 -21.03 -25.60 12.22
C GLN A 192 -21.31 -26.43 10.97
N LEU A 193 -20.54 -26.26 9.90
CA LEU A 193 -20.83 -27.03 8.69
C LEU A 193 -20.80 -28.54 8.93
N GLN A 194 -19.95 -28.96 9.86
CA GLN A 194 -19.74 -30.38 10.16
C GLN A 194 -21.00 -31.06 10.68
N HIS A 195 -21.98 -30.26 11.12
CA HIS A 195 -23.27 -30.81 11.59
C HIS A 195 -24.27 -31.05 10.47
N TYR A 196 -23.87 -30.85 9.22
CA TYR A 196 -24.79 -31.01 8.10
C TYR A 196 -24.39 -32.07 7.08
N ARG A 197 -25.36 -32.85 6.64
CA ARG A 197 -25.14 -33.68 5.46
C ARG A 197 -26.33 -33.53 4.58
N ASP A 198 -26.09 -33.38 3.28
CA ASP A 198 -27.17 -33.21 2.31
C ASP A 198 -28.17 -32.15 2.78
N ASN A 199 -27.64 -31.05 3.28
CA ASN A 199 -28.42 -29.89 3.71
C ASN A 199 -29.30 -30.09 4.94
N ALA A 200 -29.11 -31.19 5.67
CA ALA A 200 -29.90 -31.43 6.89
C ALA A 200 -29.01 -31.51 8.12
N TYR A 201 -29.42 -30.80 9.17
CA TYR A 201 -28.72 -30.77 10.44
C TYR A 201 -28.90 -32.07 11.22
N ALA A 202 -27.86 -32.49 11.93
CA ALA A 202 -28.04 -33.50 12.97
C ALA A 202 -27.06 -33.19 14.06
N GLN A 203 -27.52 -33.25 15.30
CA GLN A 203 -26.62 -33.00 16.41
C GLN A 203 -25.45 -34.01 16.42
N THR A 204 -25.68 -35.23 15.94
CA THR A 204 -24.62 -36.24 15.99
C THR A 204 -23.79 -36.27 14.71
N HIS A 205 -24.11 -35.40 13.74
CA HIS A 205 -23.22 -35.21 12.60
C HIS A 205 -21.94 -34.58 13.10
N GLN A 206 -20.78 -35.15 12.78
CA GLN A 206 -19.51 -34.56 13.22
C GLN A 206 -18.54 -34.39 12.06
N GLU A 207 -17.44 -33.69 12.31
CA GLU A 207 -16.44 -33.52 11.27
C GLU A 207 -15.85 -34.92 10.93
N PRO A 208 -15.75 -35.25 9.64
CA PRO A 208 -15.15 -36.54 9.29
C PRO A 208 -13.71 -36.60 9.78
N VAL A 209 -13.20 -37.82 9.93
CA VAL A 209 -11.83 -38.00 10.37
C VAL A 209 -11.10 -38.97 9.48
N GLY A 210 -9.78 -38.96 9.56
CA GLY A 210 -8.97 -39.93 8.82
C GLY A 210 -9.11 -39.97 7.31
N ASP A 211 -9.42 -41.15 6.78
CA ASP A 211 -9.44 -41.36 5.33
C ASP A 211 -10.76 -40.97 4.72
N ALA A 212 -11.73 -40.61 5.55
CA ALA A 212 -12.99 -40.08 5.04
C ALA A 212 -12.74 -38.76 4.30
N PRO A 213 -13.51 -38.49 3.24
CA PRO A 213 -13.32 -37.21 2.55
C PRO A 213 -13.64 -36.05 3.46
N ALA A 214 -12.76 -35.05 3.44
CA ALA A 214 -13.02 -33.80 4.12
C ALA A 214 -14.27 -33.16 3.51
N LEU A 215 -15.04 -32.51 4.36
CA LEU A 215 -16.15 -31.69 3.90
C LEU A 215 -15.65 -30.55 3.05
N GLY A 216 -16.46 -30.20 2.05
CA GLY A 216 -16.20 -29.06 1.17
C GLY A 216 -17.25 -27.98 1.36
N PRO A 217 -17.04 -26.81 0.75
CA PRO A 217 -18.09 -25.78 0.86
C PRO A 217 -19.33 -26.18 0.08
N ARG A 218 -20.45 -25.51 0.34
CA ARG A 218 -21.70 -25.72 -0.39
C ARG A 218 -21.83 -24.71 -1.50
N VAL A 219 -22.61 -25.04 -2.54
CA VAL A 219 -22.82 -24.11 -3.65
C VAL A 219 -24.23 -24.26 -4.10
N ALA A 220 -24.90 -23.13 -4.32
CA ALA A 220 -26.20 -23.13 -4.98
C ALA A 220 -26.35 -21.93 -5.91
N ARG A 221 -26.87 -22.17 -7.11
CA ARG A 221 -27.28 -21.08 -7.98
C ARG A 221 -28.34 -20.26 -7.27
N LEU A 222 -28.23 -18.93 -7.35
CA LEU A 222 -29.26 -18.05 -6.82
C LEU A 222 -30.39 -17.87 -7.83
N HIS A 223 -31.59 -17.71 -7.30
CA HIS A 223 -32.76 -17.29 -8.07
C HIS A 223 -32.56 -15.87 -8.59
N GLU A 224 -33.24 -15.52 -9.67
CA GLU A 224 -33.17 -14.17 -10.22
C GLU A 224 -33.53 -13.12 -9.16
N ARG A 225 -34.37 -13.48 -8.22
CA ARG A 225 -34.80 -12.51 -7.23
C ARG A 225 -33.72 -12.34 -6.16
N MET A 226 -32.65 -13.13 -6.28
CA MET A 226 -31.40 -12.98 -5.52
C MET A 226 -31.51 -13.26 -4.00
N ILE A 227 -32.71 -13.20 -3.43
CA ILE A 227 -32.82 -13.44 -2.01
C ILE A 227 -33.21 -14.90 -1.69
N ASP A 228 -33.38 -15.72 -2.72
CA ASP A 228 -33.65 -17.17 -2.57
C ASP A 228 -32.63 -17.99 -3.36
N LEU A 229 -32.33 -19.22 -2.89
CA LEU A 229 -31.59 -20.15 -3.74
C LEU A 229 -32.50 -20.61 -4.89
N ALA A 230 -31.89 -20.89 -6.04
CA ALA A 230 -32.66 -21.47 -7.14
C ALA A 230 -32.77 -22.99 -6.98
N GLU A 231 -31.97 -23.56 -6.09
CA GLU A 231 -31.82 -25.03 -5.99
C GLU A 231 -31.26 -25.35 -4.60
N PRO A 232 -31.46 -26.58 -4.11
CA PRO A 232 -30.72 -26.97 -2.90
C PRO A 232 -29.21 -26.92 -3.16
N SER A 233 -28.45 -26.60 -2.13
CA SER A 233 -27.00 -26.50 -2.28
C SER A 233 -26.39 -27.89 -2.48
N ARG A 234 -25.24 -27.90 -3.17
CA ARG A 234 -24.52 -29.13 -3.44
C ARG A 234 -23.17 -29.06 -2.79
N GLU A 235 -22.55 -30.21 -2.55
CA GLU A 235 -21.20 -30.20 -2.04
C GLU A 235 -20.22 -29.87 -3.16
N VAL A 236 -19.28 -29.00 -2.84
CA VAL A 236 -18.20 -28.72 -3.74
C VAL A 236 -17.05 -29.65 -3.36
N VAL A 237 -16.54 -30.39 -4.34
CA VAL A 237 -15.51 -31.39 -4.06
C VAL A 237 -14.17 -30.83 -4.47
N ILE A 238 -13.20 -30.91 -3.58
CA ILE A 238 -11.83 -30.50 -3.89
C ILE A 238 -10.97 -31.75 -4.07
N LEU A 239 -10.27 -31.89 -5.19
CA LEU A 239 -9.50 -33.11 -5.43
C LEU A 239 -8.01 -32.84 -5.29
N ASP A 240 -7.23 -33.90 -5.01
CA ASP A 240 -5.76 -33.78 -5.07
C ASP A 240 -5.24 -34.03 -6.47
N GLU A 241 -3.92 -34.16 -6.55
CA GLU A 241 -3.20 -34.26 -7.80
C GLU A 241 -3.52 -35.56 -8.53
N HIS A 242 -3.99 -36.55 -7.78
CA HIS A 242 -4.36 -37.84 -8.34
C HIS A 242 -5.86 -37.97 -8.60
N GLY A 243 -6.61 -36.87 -8.46
CA GLY A 243 -8.05 -36.92 -8.69
C GLY A 243 -8.87 -37.52 -7.57
N THR A 244 -8.26 -37.59 -6.39
CA THR A 244 -8.95 -38.10 -5.21
C THR A 244 -9.36 -36.97 -4.25
N PRO A 245 -10.62 -36.99 -3.75
CA PRO A 245 -11.07 -35.97 -2.80
C PRO A 245 -10.10 -35.83 -1.63
N LEU A 246 -9.80 -34.60 -1.25
CA LEU A 246 -8.93 -34.37 -0.10
C LEU A 246 -9.45 -35.13 1.15
N ARG A 247 -8.54 -35.74 1.91
CA ARG A 247 -8.93 -36.46 3.13
C ARG A 247 -9.17 -35.51 4.32
N ALA A 248 -9.98 -35.99 5.25
CA ALA A 248 -10.26 -35.26 6.47
C ALA A 248 -8.99 -35.00 7.28
N ASP A 249 -8.06 -35.94 7.23
CA ASP A 249 -6.79 -35.79 7.97
C ASP A 249 -5.72 -35.01 7.20
N ASP A 250 -6.09 -34.35 6.11
CA ASP A 250 -5.13 -33.54 5.35
C ASP A 250 -5.35 -32.05 5.67
N HIS A 251 -4.98 -31.62 6.87
CA HIS A 251 -5.31 -30.25 7.30
C HIS A 251 -4.46 -29.20 6.58
N ALA A 252 -3.41 -29.62 5.88
CA ALA A 252 -2.64 -28.69 5.06
C ALA A 252 -3.46 -28.15 3.90
N ARG A 253 -4.39 -28.96 3.40
CA ARG A 253 -5.11 -28.63 2.16
C ARG A 253 -6.65 -28.61 2.28
N ARG A 254 -7.22 -29.42 3.18
CA ARG A 254 -8.69 -29.54 3.23
C ARG A 254 -9.37 -28.20 3.55
N PHE A 255 -10.56 -28.00 2.99
CA PHE A 255 -11.39 -26.84 3.30
C PHE A 255 -11.71 -26.63 4.78
N PHE A 256 -11.51 -25.41 5.25
CA PHE A 256 -11.94 -25.07 6.61
C PHE A 256 -13.05 -24.03 6.60
N GLU A 257 -12.85 -22.90 5.91
CA GLU A 257 -13.88 -21.87 5.92
C GLU A 257 -13.59 -20.81 4.85
N GLY A 258 -14.52 -19.87 4.69
CA GLY A 258 -14.34 -18.72 3.81
C GLY A 258 -14.06 -18.97 2.33
N PRO A 259 -14.94 -19.71 1.63
CA PRO A 259 -14.74 -19.91 0.19
C PRO A 259 -14.88 -18.60 -0.57
N TRP A 260 -14.19 -18.54 -1.70
CA TRP A 260 -14.30 -17.41 -2.61
C TRP A 260 -14.07 -18.01 -3.98
N VAL A 261 -14.85 -17.57 -4.97
CA VAL A 261 -14.57 -18.03 -6.32
C VAL A 261 -14.37 -16.85 -7.24
N HIS A 262 -13.35 -16.91 -8.09
CA HIS A 262 -13.25 -15.93 -9.16
C HIS A 262 -12.97 -16.60 -10.50
N GLN A 263 -13.34 -15.89 -11.58
CA GLN A 263 -13.07 -16.36 -12.93
C GLN A 263 -11.81 -15.73 -13.54
N HIS A 264 -11.00 -16.55 -14.21
CA HIS A 264 -9.86 -16.04 -14.94
C HIS A 264 -9.48 -17.03 -15.99
N ALA A 265 -9.19 -16.51 -17.19
CA ALA A 265 -8.70 -17.30 -18.31
C ALA A 265 -9.47 -18.59 -18.53
N GLY A 266 -10.80 -18.49 -18.52
CA GLY A 266 -11.64 -19.63 -18.84
C GLY A 266 -11.78 -20.69 -17.76
N ARG A 267 -11.24 -20.41 -16.57
CA ARG A 267 -11.38 -21.33 -15.45
C ARG A 267 -11.97 -20.67 -14.23
N TYR A 268 -12.47 -21.49 -13.32
CA TYR A 268 -12.96 -21.02 -12.03
C TYR A 268 -11.95 -21.35 -10.95
N TYR A 269 -11.62 -20.36 -10.13
CA TYR A 269 -10.69 -20.53 -9.00
C TYR A 269 -11.43 -20.51 -7.69
N LEU A 270 -11.40 -21.62 -6.96
CA LEU A 270 -11.92 -21.68 -5.59
C LEU A 270 -10.77 -21.48 -4.64
N SER A 271 -10.89 -20.48 -3.78
CA SER A 271 -9.90 -20.26 -2.75
C SER A 271 -10.59 -20.20 -1.39
N TYR A 272 -9.84 -20.47 -0.33
CA TYR A 272 -10.41 -20.77 0.97
C TYR A 272 -9.33 -20.87 2.03
N SER A 273 -9.74 -20.67 3.27
CA SER A 273 -8.90 -20.85 4.43
C SER A 273 -8.82 -22.32 4.85
N THR A 274 -7.64 -22.72 5.29
CA THR A 274 -7.44 -24.06 5.83
C THR A 274 -7.46 -24.10 7.34
N GLY A 275 -7.77 -22.98 7.99
CA GLY A 275 -7.98 -23.00 9.43
C GLY A 275 -6.72 -23.26 10.25
N ASP A 276 -6.52 -24.50 10.68
CA ASP A 276 -5.50 -24.74 11.70
C ASP A 276 -4.13 -24.83 11.08
N THR A 277 -4.06 -24.75 9.76
CA THR A 277 -2.76 -24.60 9.12
C THR A 277 -2.59 -23.21 8.49
N HIS A 278 -3.58 -22.33 8.70
CA HIS A 278 -3.39 -20.89 8.54
C HIS A 278 -3.04 -20.41 7.13
N ARG A 279 -3.52 -21.14 6.15
CA ARG A 279 -3.24 -20.81 4.74
C ARG A 279 -4.51 -20.46 4.02
N ILE A 280 -4.41 -19.59 3.02
CA ILE A 280 -5.42 -19.51 1.98
C ILE A 280 -4.90 -20.40 0.86
N CYS A 281 -5.67 -21.41 0.48
CA CYS A 281 -5.30 -22.29 -0.62
C CYS A 281 -6.23 -22.06 -1.80
N TYR A 282 -5.90 -22.60 -2.95
CA TYR A 282 -6.81 -22.50 -4.08
C TYR A 282 -6.75 -23.74 -4.96
N ALA A 283 -7.83 -23.93 -5.71
CA ALA A 283 -8.04 -25.07 -6.58
C ALA A 283 -8.82 -24.57 -7.81
N THR A 284 -8.74 -25.29 -8.93
CA THR A 284 -9.36 -24.83 -10.15
C THR A 284 -10.31 -25.87 -10.75
N SER A 285 -11.28 -25.39 -11.51
CA SER A 285 -12.27 -26.23 -12.17
C SER A 285 -12.73 -25.51 -13.42
N ASP A 286 -13.34 -26.22 -14.36
CA ASP A 286 -13.92 -25.57 -15.53
C ASP A 286 -15.41 -25.28 -15.28
N SER A 287 -15.89 -25.60 -14.08
CA SER A 287 -17.30 -25.39 -13.70
C SER A 287 -17.41 -24.65 -12.38
N PRO A 288 -18.40 -23.78 -12.26
CA PRO A 288 -18.60 -23.18 -10.93
C PRO A 288 -18.97 -24.24 -9.88
N TYR A 289 -19.45 -25.41 -10.31
CA TYR A 289 -19.83 -26.46 -9.37
C TYR A 289 -18.68 -27.35 -8.96
N GLY A 290 -17.53 -27.21 -9.62
CA GLY A 290 -16.43 -28.13 -9.40
C GLY A 290 -16.65 -29.44 -10.17
N PRO A 291 -15.92 -30.51 -9.81
CA PRO A 291 -14.94 -30.49 -8.72
C PRO A 291 -13.73 -29.63 -9.02
N PHE A 292 -13.11 -29.10 -7.97
CA PHE A 292 -11.95 -28.27 -8.12
C PHE A 292 -10.72 -29.08 -7.79
N THR A 293 -9.67 -28.93 -8.59
CA THR A 293 -8.40 -29.63 -8.32
C THR A 293 -7.41 -28.73 -7.60
N TYR A 294 -7.00 -29.15 -6.40
CA TYR A 294 -6.05 -28.40 -5.55
C TYR A 294 -4.84 -27.92 -6.34
N GLN A 295 -4.43 -26.67 -6.14
CA GLN A 295 -3.30 -26.15 -6.89
C GLN A 295 -2.14 -25.79 -5.97
N GLY A 296 -2.42 -25.07 -4.89
CA GLY A 296 -1.36 -24.67 -3.99
C GLY A 296 -1.78 -23.61 -2.99
N VAL A 297 -0.79 -23.05 -2.30
CA VAL A 297 -1.01 -22.02 -1.29
C VAL A 297 -0.99 -20.65 -1.93
N LEU A 298 -2.02 -19.85 -1.65
CA LEU A 298 -2.14 -18.53 -2.24
C LEU A 298 -1.65 -17.47 -1.26
N LEU A 299 -1.93 -17.67 0.02
CA LEU A 299 -1.46 -16.77 1.08
C LEU A 299 -0.87 -17.55 2.26
N ALA A 300 0.38 -17.21 2.61
CA ALA A 300 1.07 -17.79 3.76
C ALA A 300 0.45 -17.28 5.06
N PRO A 301 0.82 -17.87 6.21
CA PRO A 301 0.08 -17.52 7.44
C PRO A 301 0.22 -16.07 7.87
N VAL A 302 -0.88 -15.52 8.36
CA VAL A 302 -0.92 -14.15 8.84
C VAL A 302 -0.89 -14.18 10.36
N VAL A 303 -0.57 -13.04 10.96
CA VAL A 303 -0.68 -12.82 12.40
C VAL A 303 -2.15 -12.88 12.87
N GLY A 304 -2.40 -13.56 13.99
CA GLY A 304 -3.76 -13.81 14.45
C GLY A 304 -4.25 -15.14 13.93
N TRP A 305 -5.13 -15.83 14.65
CA TRP A 305 -5.42 -17.23 14.30
C TRP A 305 -6.13 -17.37 12.96
N THR A 306 -7.06 -16.47 12.68
CA THR A 306 -7.90 -16.60 11.49
C THR A 306 -7.20 -16.08 10.24
N THR A 307 -7.64 -16.54 9.09
CA THR A 307 -7.24 -15.89 7.87
C THR A 307 -8.44 -15.93 6.92
N HIS A 308 -8.68 -14.85 6.19
CA HIS A 308 -9.91 -14.73 5.39
C HIS A 308 -9.60 -13.74 4.25
N HIS A 309 -10.19 -13.96 3.09
CA HIS A 309 -9.76 -13.21 1.92
C HIS A 309 -10.81 -13.05 0.86
N SER A 310 -10.49 -12.25 -0.15
CA SER A 310 -11.21 -12.25 -1.40
C SER A 310 -10.22 -11.89 -2.49
N ILE A 311 -10.59 -12.15 -3.73
CA ILE A 311 -9.72 -11.89 -4.87
C ILE A 311 -10.52 -11.16 -5.92
N CYS A 312 -10.06 -9.98 -6.31
CA CYS A 312 -10.88 -9.07 -7.11
C CYS A 312 -10.02 -8.31 -8.12
N LEU A 313 -10.56 -8.19 -9.32
CA LEU A 313 -9.91 -7.45 -10.40
C LEU A 313 -10.38 -6.00 -10.37
N PHE A 314 -9.43 -5.06 -10.31
CA PHE A 314 -9.75 -3.63 -10.33
C PHE A 314 -8.92 -2.95 -11.42
N GLN A 315 -9.57 -2.51 -12.49
CA GLN A 315 -8.87 -1.94 -13.66
C GLN A 315 -7.70 -2.82 -14.08
N GLN A 316 -6.47 -2.33 -13.93
CA GLN A 316 -5.29 -3.01 -14.50
C GLN A 316 -4.65 -4.11 -13.62
N GLN A 317 -5.29 -4.49 -12.52
CA GLN A 317 -4.61 -5.30 -11.50
C GLN A 317 -5.57 -6.20 -10.73
N TRP A 318 -5.23 -7.48 -10.58
CA TRP A 318 -5.88 -8.36 -9.61
C TRP A 318 -5.30 -8.10 -8.23
N TYR A 319 -6.16 -8.12 -7.20
CA TYR A 319 -5.72 -7.95 -5.84
C TYR A 319 -6.22 -9.07 -4.96
N LEU A 320 -5.37 -9.47 -4.01
CA LEU A 320 -5.80 -10.27 -2.86
C LEU A 320 -6.15 -9.32 -1.72
N PHE A 321 -7.34 -9.49 -1.13
CA PHE A 321 -7.74 -8.75 0.07
C PHE A 321 -7.71 -9.75 1.20
N TYR A 322 -7.14 -9.37 2.35
CA TYR A 322 -6.99 -10.35 3.43
C TYR A 322 -7.04 -9.59 4.74
N HIS A 323 -6.76 -10.25 5.87
CA HIS A 323 -6.68 -9.50 7.11
C HIS A 323 -5.59 -10.07 8.01
N ASP A 324 -5.17 -9.30 9.01
CA ASP A 324 -4.36 -9.89 10.07
C ASP A 324 -4.54 -9.13 11.37
N SER A 325 -3.80 -9.52 12.40
CA SER A 325 -4.03 -8.94 13.70
C SER A 325 -2.86 -8.07 14.14
N VAL A 326 -2.06 -7.60 13.19
CA VAL A 326 -0.90 -6.78 13.56
C VAL A 326 -1.35 -5.51 14.27
N LEU A 327 -2.30 -4.78 13.68
CA LEU A 327 -2.73 -3.48 14.23
C LEU A 327 -3.10 -3.56 15.70
N SER A 328 -3.82 -4.61 16.06
CA SER A 328 -4.30 -4.80 17.42
C SER A 328 -3.24 -5.38 18.38
N GLY A 329 -2.01 -5.54 17.89
CA GLY A 329 -0.97 -6.17 18.68
C GLY A 329 -1.03 -7.68 18.79
N GLY A 330 -1.71 -8.33 17.83
CA GLY A 330 -1.73 -9.77 17.81
C GLY A 330 -2.99 -10.39 18.32
N GLN A 331 -4.01 -9.57 18.58
CA GLN A 331 -5.24 -10.10 19.12
C GLN A 331 -6.08 -10.69 17.98
N THR A 332 -6.30 -11.98 18.06
CA THR A 332 -7.00 -12.72 17.03
C THR A 332 -8.37 -12.15 16.66
N HIS A 333 -9.09 -11.64 17.65
CA HIS A 333 -10.46 -11.15 17.38
C HIS A 333 -10.53 -9.66 17.01
N LEU A 334 -9.38 -9.01 16.87
CA LEU A 334 -9.35 -7.61 16.48
C LEU A 334 -8.46 -7.44 15.26
N ARG A 335 -9.10 -7.39 14.11
CA ARG A 335 -8.35 -7.55 12.89
C ARG A 335 -8.36 -6.27 12.05
N SER A 336 -7.54 -6.22 11.01
CA SER A 336 -7.65 -5.13 10.06
C SER A 336 -7.43 -5.69 8.66
N ILE A 337 -8.21 -5.21 7.70
CA ILE A 337 -8.06 -5.74 6.35
C ILE A 337 -6.91 -5.07 5.61
N LYS A 338 -6.41 -5.77 4.60
CA LYS A 338 -5.24 -5.37 3.83
C LYS A 338 -5.41 -5.75 2.38
N MET A 339 -4.60 -5.19 1.49
CA MET A 339 -4.64 -5.66 0.12
C MET A 339 -3.25 -5.74 -0.43
N ALA A 340 -3.05 -6.67 -1.37
CA ALA A 340 -1.75 -6.84 -2.03
C ALA A 340 -2.03 -7.23 -3.46
N PRO A 341 -1.18 -6.82 -4.40
CA PRO A 341 -1.41 -7.21 -5.80
C PRO A 341 -1.19 -8.70 -6.02
N LEU A 342 -2.06 -9.30 -6.82
CA LEU A 342 -1.96 -10.71 -7.09
C LEU A 342 -1.69 -10.94 -8.55
N ALA A 343 -0.97 -12.00 -8.86
CA ALA A 343 -0.57 -12.31 -10.22
C ALA A 343 -0.94 -13.74 -10.62
N HIS A 344 -1.63 -13.86 -11.75
CA HIS A 344 -1.82 -15.16 -12.40
C HIS A 344 -0.67 -15.33 -13.39
N ALA A 345 0.06 -16.43 -13.32
CA ALA A 345 1.08 -16.73 -14.32
C ALA A 345 0.40 -17.22 -15.59
N ALA A 346 1.18 -17.34 -16.66
CA ALA A 346 0.66 -17.76 -17.96
C ALA A 346 0.02 -19.16 -17.91
N ASP A 347 0.52 -20.01 -17.03
CA ASP A 347 -0.03 -21.36 -16.92
C ASP A 347 -1.26 -21.40 -16.03
N GLY A 348 -1.67 -20.23 -15.55
CA GLY A 348 -2.87 -20.15 -14.73
C GLY A 348 -2.63 -20.19 -13.23
N THR A 349 -1.45 -20.62 -12.81
CA THR A 349 -1.18 -20.69 -11.38
C THR A 349 -1.03 -19.30 -10.77
N ILE A 350 -1.19 -19.25 -9.45
CA ILE A 350 -1.07 -18.01 -8.69
C ILE A 350 0.09 -18.20 -7.72
N ALA A 351 1.13 -17.38 -7.84
CA ALA A 351 2.27 -17.48 -6.91
C ALA A 351 1.84 -17.15 -5.49
N THR A 352 2.44 -17.84 -4.51
CA THR A 352 2.15 -17.59 -3.12
C THR A 352 2.48 -16.17 -2.71
N ILE A 353 1.56 -15.54 -1.99
CA ILE A 353 1.83 -14.24 -1.41
C ILE A 353 2.25 -14.40 0.05
N TYR A 354 3.35 -13.75 0.40
CA TYR A 354 3.92 -13.85 1.74
C TYR A 354 3.68 -12.52 2.43
N PRO A 355 2.75 -12.49 3.39
CA PRO A 355 2.29 -11.22 3.98
C PRO A 355 3.36 -10.44 4.78
N TYR A 356 4.46 -11.07 5.17
CA TYR A 356 5.54 -10.38 5.87
C TYR A 356 6.87 -10.62 5.16
N GLY A 357 6.83 -11.03 3.90
CA GLY A 357 8.02 -11.36 3.14
C GLY A 357 8.30 -12.84 3.16
N GLU A 358 8.86 -13.38 2.07
CA GLU A 358 9.14 -14.80 2.02
C GLU A 358 10.15 -15.19 3.10
N ASP A 359 11.01 -14.23 3.45
CA ASP A 359 12.06 -14.44 4.43
C ASP A 359 11.55 -14.48 5.87
N ALA A 360 10.35 -13.96 6.12
CA ALA A 360 9.90 -13.85 7.50
C ALA A 360 9.75 -15.22 8.17
N VAL A 361 9.86 -15.21 9.49
CA VAL A 361 9.50 -16.36 10.31
C VAL A 361 7.96 -16.37 10.39
N SER A 362 7.34 -17.38 9.78
CA SER A 362 5.89 -17.48 9.79
C SER A 362 5.33 -17.44 11.21
N PRO A 363 4.26 -16.67 11.43
CA PRO A 363 3.58 -16.62 12.74
C PRO A 363 2.94 -17.96 13.16
N TRP A 364 2.74 -18.88 12.22
CA TRP A 364 2.13 -20.20 12.52
C TRP A 364 2.91 -21.32 11.86
N LEU B 25 12.39 5.96 19.76
CA LEU B 25 13.56 5.59 20.55
C LEU B 25 13.40 4.23 21.21
N GLN B 26 12.66 4.17 22.32
CA GLN B 26 12.43 2.87 22.98
C GLN B 26 11.66 1.93 22.05
N ALA B 27 11.96 0.64 22.18
CA ALA B 27 11.32 -0.39 21.37
C ALA B 27 9.79 -0.32 21.42
N ALA B 28 9.24 0.04 22.58
CA ALA B 28 7.78 0.06 22.72
C ALA B 28 7.15 1.11 21.81
N SER B 29 7.73 2.31 21.79
CA SER B 29 7.17 3.38 20.96
C SER B 29 7.32 3.06 19.47
N LEU B 30 8.45 2.45 19.10
CA LEU B 30 8.67 2.07 17.71
C LEU B 30 7.67 1.00 17.29
N GLN B 31 7.47 0.03 18.18
CA GLN B 31 6.44 -0.99 17.99
C GLN B 31 5.07 -0.39 17.67
N ALA B 32 4.65 0.60 18.46
CA ALA B 32 3.36 1.26 18.25
C ALA B 32 3.26 1.88 16.86
N LEU B 33 4.33 2.55 16.43
CA LEU B 33 4.31 3.24 15.14
C LEU B 33 4.29 2.23 13.98
N ALA B 34 4.94 1.09 14.18
CA ALA B 34 4.97 0.07 13.15
C ALA B 34 3.56 -0.48 12.90
N ARG B 35 2.78 -0.58 13.97
CA ARG B 35 1.44 -1.17 13.89
C ARG B 35 0.46 -0.23 13.22
N THR B 36 0.69 1.06 13.34
CA THR B 36 -0.25 2.03 12.78
C THR B 36 0.32 2.75 11.55
N ALA B 37 1.43 2.27 11.02
CA ALA B 37 1.99 2.85 9.80
C ALA B 37 0.98 2.81 8.67
N ILE B 38 0.83 3.92 7.94
CA ILE B 38 -0.21 4.00 6.89
C ILE B 38 0.29 3.47 5.56
N SER B 39 1.57 3.14 5.49
CA SER B 39 2.21 2.65 4.26
C SER B 39 3.14 1.51 4.59
N ALA B 40 3.17 0.49 3.74
CA ALA B 40 4.13 -0.58 3.90
C ALA B 40 5.37 -0.19 3.10
N PRO B 41 6.54 -0.75 3.45
CA PRO B 41 7.72 -0.55 2.61
C PRO B 41 7.47 -1.02 1.18
N LEU B 42 7.82 -0.21 0.20
CA LEU B 42 7.54 -0.55 -1.18
C LEU B 42 8.34 -1.77 -1.59
N VAL B 43 9.58 -1.84 -1.10
CA VAL B 43 10.45 -3.02 -1.27
C VAL B 43 11.19 -3.29 0.03
N THR B 44 11.59 -4.54 0.25
CA THR B 44 12.22 -4.92 1.50
C THR B 44 13.52 -5.70 1.35
N HIS B 45 13.87 -6.11 0.14
CA HIS B 45 15.04 -6.97 0.00
C HIS B 45 16.32 -6.13 -0.07
N LEU B 46 16.17 -4.82 -0.23
CA LEU B 46 17.27 -3.88 -0.08
C LEU B 46 16.75 -2.62 0.62
N TYR B 47 17.64 -1.85 1.24
CA TYR B 47 17.21 -0.60 1.87
C TYR B 47 17.20 0.53 0.85
N THR B 48 16.15 1.35 0.86
CA THR B 48 15.97 2.40 -0.15
C THR B 48 15.61 3.70 0.54
N ALA B 49 15.99 4.84 -0.04
CA ALA B 49 15.65 6.12 0.57
C ALA B 49 15.47 7.21 -0.48
N ASP B 50 15.03 8.39 -0.03
CA ASP B 50 15.02 9.57 -0.91
C ASP B 50 14.34 9.35 -2.26
N PRO B 51 13.08 8.87 -2.25
CA PRO B 51 12.48 8.44 -3.49
C PRO B 51 12.08 9.60 -4.41
N SER B 52 12.57 9.57 -5.65
CA SER B 52 12.13 10.50 -6.68
C SER B 52 11.28 9.80 -7.74
N ALA B 53 9.99 10.10 -7.75
CA ALA B 53 9.04 9.40 -8.62
C ALA B 53 8.64 10.24 -9.85
N HIS B 54 8.67 9.58 -11.01
CA HIS B 54 8.32 10.15 -12.31
C HIS B 54 7.46 9.17 -13.11
N VAL B 55 6.51 9.70 -13.87
CA VAL B 55 5.86 8.90 -14.90
C VAL B 55 6.60 9.09 -16.22
N PHE B 56 7.24 8.02 -16.66
CA PHE B 56 8.01 8.01 -17.90
C PHE B 56 7.44 6.91 -18.76
N ASP B 57 6.99 7.26 -19.96
CA ASP B 57 6.61 6.24 -20.94
C ASP B 57 5.48 5.35 -20.36
N GLY B 58 4.50 5.99 -19.73
CA GLY B 58 3.33 5.29 -19.23
C GLY B 58 3.46 4.58 -17.90
N ALA B 59 4.67 4.51 -17.34
CA ALA B 59 4.88 3.77 -16.10
C ALA B 59 5.48 4.67 -15.03
N LEU B 60 5.30 4.30 -13.77
CA LEU B 60 5.92 5.04 -12.69
C LEU B 60 7.33 4.51 -12.41
N TYR B 61 8.34 5.36 -12.64
CA TYR B 61 9.72 5.00 -12.30
C TYR B 61 10.11 5.73 -11.02
N ILE B 62 10.81 5.02 -10.13
CA ILE B 62 11.27 5.64 -8.90
C ILE B 62 12.79 5.56 -8.81
N TYR B 63 13.39 6.70 -8.50
CA TYR B 63 14.84 6.81 -8.39
C TYR B 63 15.22 7.14 -6.95
N PRO B 64 15.53 6.11 -6.17
CA PRO B 64 15.89 6.30 -4.78
C PRO B 64 17.37 6.09 -4.52
N SER B 65 17.80 6.47 -3.32
CA SER B 65 19.09 6.04 -2.77
C SER B 65 19.07 4.56 -2.42
N HIS B 66 20.26 3.98 -2.27
CA HIS B 66 20.42 2.60 -1.86
C HIS B 66 21.29 2.52 -0.61
N ASP B 67 20.66 2.35 0.55
CA ASP B 67 21.36 2.34 1.82
C ASP B 67 22.09 1.03 2.04
N LEU B 68 23.31 1.11 2.54
CA LEU B 68 24.13 -0.09 2.83
C LEU B 68 24.49 -0.13 4.32
N ASP B 69 24.65 -1.33 4.86
CA ASP B 69 24.91 -1.51 6.30
C ASP B 69 26.40 -1.77 6.62
N ALA B 70 27.04 -0.78 7.24
CA ALA B 70 28.44 -0.92 7.68
C ALA B 70 28.57 -1.81 8.93
N GLY B 78 22.05 5.30 12.65
CA GLY B 78 22.42 6.02 11.44
C GLY B 78 23.12 7.36 11.63
N SER B 79 24.35 7.45 11.15
CA SER B 79 25.17 8.65 11.34
C SER B 79 26.10 8.77 10.14
N HIS B 80 26.48 7.62 9.58
CA HIS B 80 27.28 7.58 8.36
C HIS B 80 26.49 7.05 7.16
N PHE B 81 26.20 7.94 6.23
CA PHE B 81 25.49 7.60 5.01
C PHE B 81 26.53 7.37 3.90
N ASP B 82 26.88 6.11 3.69
CA ASP B 82 28.01 5.74 2.84
C ASP B 82 27.55 4.97 1.60
N MET B 83 26.42 5.40 1.03
CA MET B 83 25.86 4.72 -0.14
C MET B 83 26.78 4.79 -1.36
N ALA B 84 26.69 3.79 -2.24
CA ALA B 84 27.62 3.65 -3.35
C ALA B 84 26.99 3.43 -4.73
N ASP B 85 25.69 3.16 -4.80
CA ASP B 85 25.06 2.85 -6.08
C ASP B 85 23.59 3.23 -6.10
N TYR B 86 23.01 3.21 -7.29
CA TYR B 86 21.58 3.43 -7.42
C TYR B 86 20.89 2.27 -8.12
N HIS B 87 19.67 1.98 -7.68
CA HIS B 87 18.77 1.10 -8.41
C HIS B 87 17.65 1.95 -9.02
N VAL B 88 16.88 1.35 -9.93
CA VAL B 88 15.66 1.97 -10.42
C VAL B 88 14.52 1.02 -10.14
N LEU B 89 13.42 1.54 -9.59
CA LEU B 89 12.22 0.76 -9.33
C LEU B 89 11.09 1.18 -10.26
N ARG B 90 10.13 0.30 -10.47
CA ARG B 90 9.03 0.60 -11.38
C ARG B 90 7.67 0.06 -10.91
N MET B 91 6.63 0.87 -11.07
CA MET B 91 5.26 0.39 -11.01
C MET B 91 4.64 0.56 -12.39
N ALA B 92 4.34 -0.56 -13.05
CA ALA B 92 3.86 -0.53 -14.43
C ALA B 92 2.51 0.18 -14.55
N HIS B 93 1.73 0.19 -13.48
CA HIS B 93 0.41 0.83 -13.47
C HIS B 93 0.02 1.06 -12.00
N PRO B 94 -1.02 1.87 -11.73
CA PRO B 94 -1.45 2.06 -10.34
C PRO B 94 -1.70 0.74 -9.63
N GLY B 95 -1.25 0.63 -8.38
CA GLY B 95 -1.44 -0.57 -7.59
C GLY B 95 -0.56 -1.77 -7.95
N ALA B 96 0.26 -1.62 -8.98
CA ALA B 96 1.12 -2.71 -9.44
C ALA B 96 2.14 -3.08 -8.37
N ALA B 97 2.64 -4.30 -8.41
CA ALA B 97 3.77 -4.69 -7.56
C ALA B 97 4.96 -3.85 -7.97
N VAL B 98 5.83 -3.53 -7.03
CA VAL B 98 7.02 -2.72 -7.33
C VAL B 98 8.16 -3.61 -7.80
N GLU B 99 8.70 -3.32 -9.00
CA GLU B 99 9.81 -4.08 -9.57
C GLU B 99 11.14 -3.41 -9.27
N ASP B 100 12.14 -4.19 -8.85
CA ASP B 100 13.50 -3.71 -8.67
C ASP B 100 14.19 -3.95 -9.99
N LEU B 101 14.53 -2.89 -10.72
CA LEU B 101 15.09 -3.09 -12.06
C LEU B 101 16.61 -3.23 -12.07
N GLY B 102 17.21 -3.35 -10.89
CA GLY B 102 18.64 -3.58 -10.77
C GLY B 102 19.46 -2.32 -10.56
N GLN B 103 20.73 -2.51 -10.25
CA GLN B 103 21.69 -1.42 -10.12
C GLN B 103 21.91 -0.78 -11.47
N VAL B 104 21.91 0.57 -11.53
CA VAL B 104 22.05 1.28 -12.79
C VAL B 104 23.28 2.21 -12.80
N LEU B 105 23.92 2.39 -11.64
CA LEU B 105 25.11 3.22 -11.55
C LEU B 105 25.80 3.00 -10.23
N HIS B 106 27.13 2.91 -10.27
CA HIS B 106 27.95 2.70 -9.08
C HIS B 106 29.02 3.76 -9.02
N VAL B 107 29.41 4.18 -7.82
CA VAL B 107 30.38 5.27 -7.70
C VAL B 107 31.73 4.89 -8.34
N ARG B 108 32.02 3.59 -8.39
CA ARG B 108 33.27 3.13 -9.00
C ARG B 108 33.29 3.54 -10.48
N ASP B 109 32.10 3.76 -11.04
CA ASP B 109 31.98 4.12 -12.43
C ASP B 109 31.73 5.60 -12.66
N VAL B 110 31.83 6.38 -11.58
CA VAL B 110 31.76 7.83 -11.66
C VAL B 110 33.17 8.36 -11.46
N PRO B 111 33.82 8.80 -12.56
CA PRO B 111 35.26 9.11 -12.50
C PRO B 111 35.60 10.22 -11.51
N TRP B 112 34.77 11.25 -11.45
CA TRP B 112 35.06 12.41 -10.63
C TRP B 112 34.72 12.25 -9.14
N ALA B 113 33.96 11.21 -8.78
CA ALA B 113 33.50 11.07 -7.39
C ALA B 113 34.18 9.93 -6.65
N GLN B 114 34.33 10.12 -5.35
CA GLN B 114 34.91 9.09 -4.51
C GLN B 114 33.85 8.28 -3.78
N ARG B 115 32.86 8.96 -3.22
CA ARG B 115 31.99 8.26 -2.29
C ARG B 115 30.69 8.99 -2.09
N GLN B 116 29.77 8.33 -1.38
CA GLN B 116 28.52 8.94 -0.93
C GLN B 116 27.64 9.42 -2.08
N MET B 117 27.04 8.44 -2.73
CA MET B 117 26.04 8.59 -3.76
C MET B 117 24.68 8.88 -3.09
N TRP B 118 24.32 10.15 -2.93
CA TRP B 118 23.12 10.51 -2.17
C TRP B 118 21.90 10.75 -3.07
N ALA B 119 20.87 11.39 -2.49
CA ALA B 119 19.50 11.41 -3.07
C ALA B 119 19.45 11.88 -4.51
N PRO B 120 19.08 10.97 -5.45
CA PRO B 120 19.14 11.32 -6.87
C PRO B 120 17.80 11.76 -7.44
N ASP B 121 17.81 12.12 -8.73
CA ASP B 121 16.58 12.38 -9.49
C ASP B 121 16.85 12.07 -10.97
N ALA B 122 15.78 12.12 -11.76
CA ALA B 122 15.85 11.76 -13.17
C ALA B 122 15.05 12.73 -14.01
N ALA B 123 15.42 12.86 -15.28
CA ALA B 123 14.62 13.63 -16.20
C ALA B 123 14.71 13.02 -17.60
N GLN B 124 13.78 13.41 -18.46
CA GLN B 124 13.80 12.90 -19.83
C GLN B 124 13.79 14.07 -20.84
N ARG B 125 14.64 13.94 -21.84
CA ARG B 125 14.66 14.85 -22.98
C ARG B 125 15.50 14.19 -24.07
N ASN B 126 15.35 14.67 -25.31
CA ASN B 126 16.23 14.23 -26.40
C ASN B 126 16.20 12.71 -26.58
N GLY B 127 15.06 12.10 -26.26
CA GLY B 127 14.92 10.67 -26.37
C GLY B 127 15.68 9.87 -25.34
N LYS B 128 16.26 10.57 -24.36
CA LYS B 128 17.06 9.90 -23.35
C LYS B 128 16.55 10.16 -21.94
N THR B 129 17.10 9.40 -20.99
CA THR B 129 16.84 9.61 -19.58
C THR B 129 18.13 10.03 -18.89
N TYR B 130 18.04 11.04 -18.03
CA TYR B 130 19.22 11.59 -17.34
C TYR B 130 19.08 11.40 -15.85
N LEU B 131 20.06 10.75 -15.23
CA LEU B 131 20.05 10.54 -13.78
C LEU B 131 20.95 11.58 -13.14
N TYR B 132 20.34 12.47 -12.36
CA TYR B 132 21.08 13.50 -11.64
C TYR B 132 21.40 13.00 -10.26
N PHE B 133 22.67 13.13 -9.84
CA PHE B 133 23.02 12.61 -8.54
C PHE B 133 24.10 13.40 -7.83
N PRO B 134 23.97 13.52 -6.51
CA PRO B 134 24.99 14.14 -5.68
C PRO B 134 26.00 13.11 -5.22
N ALA B 135 27.27 13.45 -5.29
CA ALA B 135 28.31 12.53 -4.83
C ALA B 135 29.50 13.37 -4.39
N LYS B 136 30.42 12.76 -3.66
CA LYS B 136 31.49 13.53 -3.05
C LYS B 136 32.80 13.26 -3.75
N ARG B 137 33.50 14.33 -4.10
CA ARG B 137 34.86 14.26 -4.64
C ARG B 137 35.83 13.69 -3.61
N ALA B 138 37.01 13.27 -4.06
CA ALA B 138 38.05 12.81 -3.13
C ALA B 138 38.45 13.86 -2.10
N ASP B 139 38.27 15.14 -2.41
CA ASP B 139 38.59 16.20 -1.44
C ASP B 139 37.44 16.48 -0.46
N GLY B 140 36.39 15.67 -0.53
CA GLY B 140 35.29 15.76 0.41
C GLY B 140 34.20 16.76 0.02
N MET B 141 34.31 17.35 -1.17
CA MET B 141 33.30 18.31 -1.63
C MET B 141 32.20 17.68 -2.45
N PHE B 142 30.95 17.90 -2.05
CA PHE B 142 29.81 17.41 -2.84
C PHE B 142 29.64 18.22 -4.12
N GLN B 143 29.35 17.53 -5.21
CA GLN B 143 28.80 18.21 -6.38
C GLN B 143 27.73 17.31 -6.98
N ILE B 144 27.05 17.82 -8.00
CA ILE B 144 26.01 17.05 -8.68
C ILE B 144 26.44 16.69 -10.09
N GLY B 145 26.38 15.40 -10.38
CA GLY B 145 26.74 14.89 -11.69
C GLY B 145 25.51 14.38 -12.42
N VAL B 146 25.65 14.13 -13.70
CA VAL B 146 24.57 13.50 -14.43
C VAL B 146 25.11 12.26 -15.16
N ALA B 147 24.26 11.26 -15.28
CA ALA B 147 24.57 10.08 -16.07
C ALA B 147 23.44 9.87 -17.07
N VAL B 148 23.79 9.40 -18.26
CA VAL B 148 22.88 9.42 -19.39
C VAL B 148 22.54 8.01 -19.81
N GLY B 149 21.25 7.76 -20.04
CA GLY B 149 20.80 6.44 -20.46
C GLY B 149 19.81 6.51 -21.61
N ASP B 150 19.68 5.41 -22.34
CA ASP B 150 18.76 5.36 -23.45
C ASP B 150 17.34 5.19 -22.96
N ARG B 151 17.21 4.44 -21.86
CA ARG B 151 15.91 4.01 -21.34
C ARG B 151 15.80 4.47 -19.88
N PRO B 152 14.57 4.75 -19.40
CA PRO B 152 14.42 5.19 -18.00
C PRO B 152 14.81 4.13 -17.00
N GLU B 153 14.78 2.86 -17.40
CA GLU B 153 15.27 1.80 -16.52
C GLU B 153 16.79 1.78 -16.50
N GLY B 154 17.44 2.59 -17.33
CA GLY B 154 18.89 2.57 -17.37
C GLY B 154 19.42 1.46 -18.26
N PRO B 155 20.70 1.10 -18.10
CA PRO B 155 21.65 1.68 -17.14
C PRO B 155 22.15 3.04 -17.61
N PHE B 156 22.93 3.71 -16.77
CA PHE B 156 23.34 5.10 -17.02
C PHE B 156 24.85 5.22 -17.02
N VAL B 157 25.38 5.95 -17.98
CA VAL B 157 26.81 6.23 -18.05
C VAL B 157 27.09 7.65 -17.54
N ALA B 158 27.93 7.74 -16.51
CA ALA B 158 28.25 9.03 -15.89
C ALA B 158 29.12 9.90 -16.78
N GLU B 159 28.76 11.18 -16.87
CA GLU B 159 29.67 12.17 -17.42
C GLU B 159 30.91 12.21 -16.55
N PRO B 160 32.08 12.50 -17.16
CA PRO B 160 33.37 12.34 -16.46
C PRO B 160 33.62 13.44 -15.42
N GLN B 161 32.93 14.58 -15.54
CA GLN B 161 33.00 15.62 -14.53
C GLN B 161 31.59 15.90 -13.97
N PRO B 162 31.51 16.49 -12.77
CA PRO B 162 30.19 16.90 -12.30
C PRO B 162 29.69 18.11 -13.12
N ILE B 163 28.44 18.47 -12.94
CA ILE B 163 27.88 19.58 -13.70
C ILE B 163 28.46 20.91 -13.23
N ALA B 164 29.05 21.67 -14.14
CA ALA B 164 29.64 22.96 -13.77
C ALA B 164 28.56 23.87 -13.20
N GLY B 165 28.85 24.52 -12.09
CA GLY B 165 27.89 25.41 -11.43
C GLY B 165 27.08 24.78 -10.30
N THR B 166 27.24 23.48 -10.09
CA THR B 166 26.56 22.83 -8.98
C THR B 166 27.50 22.52 -7.84
N TYR B 167 26.90 22.19 -6.69
CA TYR B 167 27.61 21.99 -5.45
C TYR B 167 26.53 21.53 -4.51
N SER B 168 26.90 21.16 -3.31
CA SER B 168 25.92 20.65 -2.35
C SER B 168 25.17 19.43 -2.96
N ILE B 169 23.94 19.19 -2.55
CA ILE B 169 23.33 17.87 -2.72
C ILE B 169 21.85 17.91 -3.18
N ASP B 170 21.23 16.74 -3.22
CA ASP B 170 19.78 16.57 -3.40
C ASP B 170 19.13 17.24 -4.60
N PRO B 171 19.61 16.91 -5.81
CA PRO B 171 18.98 17.47 -7.01
C PRO B 171 17.53 17.05 -7.21
N ALA B 172 16.67 18.00 -7.58
CA ALA B 172 15.34 17.72 -8.16
C ALA B 172 15.21 18.40 -9.53
N VAL B 173 14.72 17.68 -10.53
CA VAL B 173 14.55 18.33 -11.83
C VAL B 173 13.06 18.40 -12.23
N LEU B 174 12.55 19.62 -12.32
CA LEU B 174 11.17 19.90 -12.76
C LEU B 174 11.05 19.97 -14.28
N ALA B 175 10.19 19.11 -14.83
CA ALA B 175 9.84 19.20 -16.25
C ALA B 175 8.63 20.08 -16.37
N ASP B 176 8.87 21.37 -16.59
CA ASP B 176 7.80 22.37 -16.62
C ASP B 176 6.87 22.04 -17.78
N ASP B 177 5.58 22.33 -17.64
CA ASP B 177 4.67 21.97 -18.74
C ASP B 177 4.96 22.83 -19.98
N ASP B 178 5.70 23.92 -19.80
CA ASP B 178 6.07 24.75 -20.96
C ASP B 178 7.33 24.25 -21.69
N GLY B 179 7.83 23.08 -21.30
CA GLY B 179 8.95 22.48 -21.99
C GLY B 179 10.32 22.76 -21.36
N ALA B 180 10.39 23.70 -20.43
CA ALA B 180 11.66 23.95 -19.75
C ALA B 180 11.92 22.90 -18.69
N HIS B 181 13.20 22.67 -18.39
CA HIS B 181 13.61 21.88 -17.24
C HIS B 181 14.44 22.74 -16.27
N TYR B 182 14.14 22.63 -14.98
CA TYR B 182 14.81 23.38 -13.91
C TYR B 182 15.44 22.45 -12.92
N LEU B 183 16.67 22.73 -12.56
CA LEU B 183 17.34 21.94 -11.55
C LEU B 183 17.33 22.69 -10.23
N TYR B 184 16.77 22.06 -9.20
CA TYR B 184 16.78 22.59 -7.85
C TYR B 184 17.75 21.76 -7.04
N PHE B 185 18.45 22.37 -6.10
CA PHE B 185 19.38 21.58 -5.28
C PHE B 185 19.75 22.30 -3.99
N GLY B 186 20.30 21.54 -3.04
CA GLY B 186 20.84 22.11 -1.83
C GLY B 186 20.53 21.29 -0.59
N GLY B 187 21.46 21.32 0.35
CA GLY B 187 21.19 20.83 1.70
C GLY B 187 22.23 21.44 2.63
N ILE B 188 21.82 21.87 3.82
CA ILE B 188 22.77 22.41 4.76
C ILE B 188 23.31 21.29 5.65
N TRP B 189 23.99 21.65 6.72
CA TRP B 189 24.74 20.71 7.57
C TRP B 189 25.66 19.85 6.67
N GLY B 190 25.44 18.54 6.65
CA GLY B 190 26.28 17.65 5.86
C GLY B 190 26.23 17.93 4.36
N GLY B 191 25.17 18.61 3.90
CA GLY B 191 25.02 18.90 2.49
C GLY B 191 25.88 20.04 1.97
N GLN B 192 26.47 20.79 2.89
CA GLN B 192 27.48 21.83 2.61
C GLN B 192 26.96 23.12 1.95
N LEU B 193 25.65 23.26 1.78
CA LEU B 193 25.13 24.46 1.13
C LEU B 193 25.60 25.74 1.85
N GLN B 194 25.71 25.66 3.17
CA GLN B 194 26.08 26.80 4.01
C GLN B 194 27.46 27.38 3.69
N HIS B 195 28.27 26.63 2.95
CA HIS B 195 29.58 27.15 2.59
C HIS B 195 29.55 27.94 1.31
N TYR B 196 28.36 28.23 0.77
CA TYR B 196 28.32 28.92 -0.53
C TYR B 196 27.49 30.17 -0.44
N ARG B 197 27.94 31.20 -1.15
CA ARG B 197 27.13 32.39 -1.38
C ARG B 197 27.39 32.80 -2.80
N ASP B 198 26.32 33.16 -3.51
CA ASP B 198 26.42 33.54 -4.93
C ASP B 198 27.19 32.54 -5.77
N ASN B 199 26.97 31.26 -5.46
CA ASN B 199 27.55 30.10 -6.14
C ASN B 199 29.05 29.93 -5.93
N ALA B 200 29.61 30.63 -4.96
CA ALA B 200 31.05 30.55 -4.75
C ALA B 200 31.33 30.04 -3.34
N TYR B 201 32.25 29.08 -3.24
CA TYR B 201 32.62 28.48 -1.96
C TYR B 201 33.49 29.41 -1.11
N ALA B 202 33.30 29.41 0.21
CA ALA B 202 34.37 29.90 1.09
C ALA B 202 34.42 29.01 2.33
N GLN B 203 35.62 28.73 2.81
CA GLN B 203 35.77 27.95 4.03
C GLN B 203 35.02 28.61 5.19
N THR B 204 35.06 29.94 5.30
CA THR B 204 34.43 30.58 6.44
C THR B 204 32.94 30.91 6.24
N HIS B 205 32.36 30.63 5.08
CA HIS B 205 30.90 30.74 4.95
C HIS B 205 30.28 29.73 5.89
N GLN B 206 29.37 30.17 6.74
CA GLN B 206 28.69 29.30 7.69
C GLN B 206 27.19 29.44 7.55
N GLU B 207 26.45 28.54 8.20
CA GLU B 207 25.00 28.68 8.26
C GLU B 207 24.59 29.96 8.97
N PRO B 208 23.68 30.72 8.37
CA PRO B 208 23.23 31.96 9.03
C PRO B 208 22.49 31.62 10.33
N VAL B 209 22.35 32.59 11.22
CA VAL B 209 21.73 32.36 12.52
C VAL B 209 20.75 33.47 12.85
N GLY B 210 19.89 33.23 13.84
CA GLY B 210 19.00 34.27 14.31
C GLY B 210 18.07 34.91 13.29
N ASP B 211 18.18 36.23 13.15
CA ASP B 211 17.26 37.01 12.33
C ASP B 211 17.72 37.10 10.89
N ALA B 212 18.91 36.55 10.61
CA ALA B 212 19.38 36.51 9.23
C ALA B 212 18.49 35.57 8.43
N PRO B 213 18.21 35.90 7.16
CA PRO B 213 17.40 34.98 6.35
C PRO B 213 18.01 33.58 6.29
N ALA B 214 17.18 32.55 6.50
CA ALA B 214 17.65 31.18 6.27
C ALA B 214 18.11 31.02 4.82
N LEU B 215 19.07 30.14 4.56
CA LEU B 215 19.41 29.82 3.17
C LEU B 215 18.26 29.06 2.52
N GLY B 216 18.09 29.21 1.22
CA GLY B 216 17.09 28.45 0.48
C GLY B 216 17.80 27.55 -0.51
N PRO B 217 17.05 26.68 -1.21
CA PRO B 217 17.65 25.89 -2.30
C PRO B 217 18.10 26.75 -3.47
N ARG B 218 18.89 26.15 -4.35
CA ARG B 218 19.33 26.80 -5.56
C ARG B 218 18.46 26.36 -6.74
N VAL B 219 18.32 27.21 -7.75
CA VAL B 219 17.63 26.78 -8.95
C VAL B 219 18.32 27.32 -10.19
N ALA B 220 18.44 26.47 -11.20
CA ALA B 220 18.99 26.88 -12.49
C ALA B 220 18.26 26.14 -13.61
N ARG B 221 17.78 26.89 -14.59
CA ARG B 221 17.28 26.24 -15.81
C ARG B 221 18.37 25.38 -16.43
N LEU B 222 18.01 24.18 -16.88
CA LEU B 222 18.97 23.32 -17.54
C LEU B 222 19.10 23.68 -19.01
N HIS B 223 20.29 23.50 -19.56
CA HIS B 223 20.44 23.64 -20.99
C HIS B 223 19.66 22.51 -21.67
N GLU B 224 19.25 22.75 -22.91
CA GLU B 224 18.48 21.75 -23.65
C GLU B 224 19.22 20.41 -23.77
N ARG B 225 20.55 20.45 -23.74
CA ARG B 225 21.36 19.23 -23.80
C ARG B 225 21.32 18.47 -22.47
N MET B 226 20.79 19.13 -21.44
CA MET B 226 20.47 18.51 -20.14
C MET B 226 21.68 18.17 -19.27
N ILE B 227 22.90 18.24 -19.82
CA ILE B 227 24.05 17.90 -19.00
C ILE B 227 24.82 19.12 -18.52
N ASP B 228 24.26 20.30 -18.79
CA ASP B 228 24.84 21.60 -18.37
C ASP B 228 23.74 22.54 -17.94
N LEU B 229 24.03 23.42 -16.99
CA LEU B 229 23.11 24.50 -16.66
C LEU B 229 23.04 25.50 -17.82
N ALA B 230 21.90 26.17 -17.98
CA ALA B 230 21.75 27.23 -18.96
C ALA B 230 22.11 28.59 -18.35
N GLU B 231 22.19 28.62 -17.03
CA GLU B 231 22.41 29.85 -16.27
C GLU B 231 23.04 29.49 -14.91
N PRO B 232 23.71 30.46 -14.28
CA PRO B 232 24.16 30.24 -12.89
C PRO B 232 22.94 30.08 -12.00
N SER B 233 23.07 29.29 -10.95
CA SER B 233 21.92 29.06 -10.10
C SER B 233 21.59 30.32 -9.30
N ARG B 234 20.33 30.41 -8.91
CA ARG B 234 19.79 31.50 -8.13
C ARG B 234 19.29 30.98 -6.82
N GLU B 235 19.26 31.84 -5.83
CA GLU B 235 18.65 31.50 -4.56
C GLU B 235 17.13 31.44 -4.68
N VAL B 236 16.53 30.38 -4.16
CA VAL B 236 15.07 30.33 -4.07
C VAL B 236 14.69 30.88 -2.71
N VAL B 237 13.82 31.89 -2.68
CA VAL B 237 13.39 32.51 -1.45
C VAL B 237 12.07 31.93 -0.95
N ILE B 238 12.03 31.53 0.31
CA ILE B 238 10.79 31.16 0.93
C ILE B 238 10.37 32.24 1.91
N LEU B 239 9.14 32.72 1.76
CA LEU B 239 8.61 33.80 2.58
C LEU B 239 7.59 33.29 3.58
N ASP B 240 7.44 34.01 4.70
CA ASP B 240 6.37 33.71 5.64
C ASP B 240 5.06 34.35 5.18
N GLU B 241 4.08 34.30 6.07
CA GLU B 241 2.73 34.79 5.81
C GLU B 241 2.72 36.30 5.52
N HIS B 242 3.70 37.02 6.05
CA HIS B 242 3.77 38.48 5.88
C HIS B 242 4.69 38.92 4.75
N GLY B 243 5.17 37.97 3.96
CA GLY B 243 6.06 38.29 2.85
C GLY B 243 7.49 38.54 3.27
N THR B 244 7.85 38.10 4.47
CA THR B 244 9.22 38.23 4.98
C THR B 244 9.96 36.88 4.87
N PRO B 245 11.18 36.86 4.29
CA PRO B 245 11.88 35.56 4.18
C PRO B 245 12.01 34.82 5.51
N LEU B 246 11.91 33.50 5.48
CA LEU B 246 12.09 32.71 6.69
C LEU B 246 13.42 33.02 7.38
N ARG B 247 13.39 33.13 8.71
CA ARG B 247 14.57 33.36 9.52
C ARG B 247 15.38 32.08 9.67
N ALA B 248 16.71 32.24 9.76
CA ALA B 248 17.62 31.13 10.02
C ALA B 248 17.26 30.38 11.30
N ASP B 249 16.64 31.07 12.25
CA ASP B 249 16.35 30.40 13.52
C ASP B 249 14.95 29.80 13.54
N ASP B 250 14.28 29.79 12.40
CA ASP B 250 12.92 29.26 12.33
C ASP B 250 13.04 27.85 11.77
N HIS B 251 13.52 26.93 12.61
CA HIS B 251 13.80 25.57 12.14
C HIS B 251 12.53 24.78 11.84
N ALA B 252 11.39 25.21 12.36
CA ALA B 252 10.13 24.54 12.02
C ALA B 252 9.80 24.69 10.55
N ARG B 253 10.27 25.75 9.90
CA ARG B 253 9.81 26.01 8.54
C ARG B 253 10.91 26.21 7.51
N ARG B 254 12.09 26.62 7.94
CA ARG B 254 13.16 26.98 7.00
C ARG B 254 13.63 25.73 6.27
N PHE B 255 14.11 25.93 5.03
CA PHE B 255 14.64 24.89 4.18
C PHE B 255 15.86 24.22 4.79
N PHE B 256 15.91 22.89 4.71
CA PHE B 256 17.09 22.15 5.18
C PHE B 256 17.74 21.38 4.02
N GLU B 257 16.97 20.52 3.36
CA GLU B 257 17.48 19.72 2.26
C GLU B 257 16.33 19.14 1.43
N GLY B 258 16.69 18.52 0.33
CA GLY B 258 15.75 17.72 -0.44
C GLY B 258 14.59 18.48 -1.07
N PRO B 259 14.88 19.52 -1.86
CA PRO B 259 13.76 20.21 -2.51
C PRO B 259 13.10 19.38 -3.60
N TRP B 260 11.83 19.69 -3.87
CA TRP B 260 11.05 19.04 -4.88
C TRP B 260 10.06 20.06 -5.35
N VAL B 261 9.80 20.08 -6.65
CA VAL B 261 8.80 21.05 -7.12
C VAL B 261 7.80 20.36 -8.05
N HIS B 262 6.51 20.63 -7.85
CA HIS B 262 5.54 20.14 -8.82
C HIS B 262 4.55 21.23 -9.17
N GLN B 263 3.95 21.10 -10.36
CA GLN B 263 2.93 22.01 -10.84
C GLN B 263 1.52 21.47 -10.60
N HIS B 264 0.64 22.31 -10.06
CA HIS B 264 -0.75 21.92 -9.95
C HIS B 264 -1.66 23.15 -9.87
N ALA B 265 -2.72 23.14 -10.66
CA ALA B 265 -3.74 24.21 -10.61
C ALA B 265 -3.14 25.59 -10.62
N GLY B 266 -2.20 25.82 -11.53
CA GLY B 266 -1.65 27.17 -11.70
C GLY B 266 -0.68 27.64 -10.63
N ARG B 267 -0.16 26.70 -9.85
CA ARG B 267 0.86 27.05 -8.89
C ARG B 267 2.07 26.14 -9.06
N TYR B 268 3.22 26.65 -8.63
CA TYR B 268 4.39 25.82 -8.33
C TYR B 268 4.41 25.51 -6.83
N TYR B 269 4.56 24.24 -6.47
CA TYR B 269 4.70 23.81 -5.09
C TYR B 269 6.14 23.42 -4.84
N LEU B 270 6.80 24.13 -3.93
CA LEU B 270 8.13 23.76 -3.50
C LEU B 270 8.00 23.00 -2.21
N SER B 271 8.44 21.75 -2.16
CA SER B 271 8.39 21.05 -0.88
C SER B 271 9.80 20.55 -0.49
N TYR B 272 10.02 20.32 0.80
CA TYR B 272 11.39 20.12 1.26
C TYR B 272 11.41 19.59 2.68
N SER B 273 12.54 19.02 3.06
CA SER B 273 12.73 18.64 4.46
C SER B 273 13.18 19.82 5.32
N THR B 274 12.72 19.87 6.57
CA THR B 274 13.17 20.87 7.55
C THR B 274 14.25 20.32 8.50
N GLY B 275 14.70 19.10 8.26
CA GLY B 275 15.83 18.56 8.99
C GLY B 275 15.62 18.29 10.46
N ASP B 276 16.16 19.18 11.30
CA ASP B 276 16.19 18.90 12.73
C ASP B 276 14.81 19.02 13.37
N THR B 277 13.83 19.49 12.60
CA THR B 277 12.44 19.42 13.07
C THR B 277 11.63 18.34 12.31
N HIS B 278 12.27 17.63 11.40
CA HIS B 278 11.74 16.37 10.82
C HIS B 278 10.40 16.44 10.12
N ARG B 279 10.09 17.58 9.50
CA ARG B 279 8.90 17.73 8.68
C ARG B 279 9.22 17.83 7.20
N ILE B 280 8.30 17.38 6.36
CA ILE B 280 8.25 17.89 4.98
C ILE B 280 7.26 19.06 4.98
N CYS B 281 7.74 20.24 4.61
CA CYS B 281 6.86 21.40 4.49
C CYS B 281 6.71 21.79 3.02
N TYR B 282 5.77 22.66 2.71
CA TYR B 282 5.66 23.11 1.32
C TYR B 282 5.29 24.58 1.26
N ALA B 283 5.51 25.15 0.09
CA ALA B 283 5.28 26.57 -0.16
C ALA B 283 4.93 26.73 -1.62
N THR B 284 4.26 27.82 -1.98
CA THR B 284 3.77 27.95 -3.34
C THR B 284 4.16 29.28 -3.98
N SER B 285 4.20 29.28 -5.32
CA SER B 285 4.57 30.47 -6.11
C SER B 285 3.91 30.39 -7.48
N ASP B 286 3.77 31.53 -8.15
CA ASP B 286 3.34 31.48 -9.54
C ASP B 286 4.52 31.31 -10.47
N SER B 287 5.70 31.18 -9.90
CA SER B 287 6.92 31.08 -10.73
C SER B 287 7.83 29.94 -10.28
N PRO B 288 8.53 29.28 -11.24
CA PRO B 288 9.46 28.22 -10.83
C PRO B 288 10.67 28.77 -10.06
N TYR B 289 10.88 30.07 -10.15
CA TYR B 289 11.99 30.73 -9.46
C TYR B 289 11.60 31.23 -8.09
N GLY B 290 10.32 31.18 -7.80
CA GLY B 290 9.83 31.74 -6.57
C GLY B 290 9.74 33.23 -6.74
N PRO B 291 9.60 33.96 -5.62
CA PRO B 291 9.65 33.44 -4.24
C PRO B 291 8.42 32.62 -3.89
N PHE B 292 8.58 31.69 -2.96
CA PHE B 292 7.52 30.78 -2.56
C PHE B 292 7.02 31.20 -1.21
N THR B 293 5.71 31.23 -1.02
CA THR B 293 5.19 31.55 0.30
C THR B 293 4.86 30.28 1.05
N TYR B 294 5.43 30.15 2.26
CA TYR B 294 5.21 29.01 3.14
C TYR B 294 3.72 28.72 3.26
N GLN B 295 3.33 27.46 3.15
CA GLN B 295 1.93 27.05 3.33
C GLN B 295 1.73 26.23 4.60
N GLY B 296 2.45 25.12 4.72
CA GLY B 296 2.31 24.30 5.90
C GLY B 296 3.10 23.01 5.84
N VAL B 297 2.75 22.10 6.75
CA VAL B 297 3.38 20.80 6.89
C VAL B 297 2.69 19.77 5.99
N LEU B 298 3.48 19.12 5.13
CA LEU B 298 2.93 18.12 4.22
C LEU B 298 3.06 16.69 4.80
N LEU B 299 4.13 16.45 5.53
CA LEU B 299 4.38 15.14 6.13
C LEU B 299 4.96 15.32 7.52
N ALA B 300 4.27 14.75 8.51
CA ALA B 300 4.70 14.78 9.89
C ALA B 300 5.93 13.89 10.08
N PRO B 301 6.59 13.97 11.26
CA PRO B 301 7.87 13.27 11.45
C PRO B 301 7.81 11.77 11.24
N VAL B 302 8.80 11.27 10.52
CA VAL B 302 8.95 9.82 10.33
C VAL B 302 9.99 9.22 11.28
N VAL B 303 9.95 7.89 11.42
CA VAL B 303 10.89 7.12 12.22
C VAL B 303 12.23 7.23 11.55
N GLY B 304 13.30 7.45 12.31
CA GLY B 304 14.62 7.71 11.74
C GLY B 304 14.86 9.20 11.56
N TRP B 305 16.10 9.65 11.69
CA TRP B 305 16.35 11.10 11.74
C TRP B 305 15.94 11.82 10.46
N THR B 306 16.23 11.24 9.29
CA THR B 306 16.02 11.94 8.04
C THR B 306 14.61 11.77 7.53
N THR B 307 14.19 12.70 6.69
CA THR B 307 12.92 12.57 6.01
C THR B 307 13.12 13.15 4.61
N HIS B 308 12.56 12.51 3.60
CA HIS B 308 12.86 12.91 2.24
C HIS B 308 11.77 12.38 1.35
N HIS B 309 11.53 13.04 0.22
CA HIS B 309 10.27 12.78 -0.48
C HIS B 309 10.23 13.20 -1.93
N SER B 310 9.16 12.78 -2.61
CA SER B 310 8.77 13.40 -3.87
C SER B 310 7.25 13.37 -3.97
N ILE B 311 6.71 14.16 -4.91
CA ILE B 311 5.28 14.26 -5.15
C ILE B 311 5.05 14.05 -6.62
N CYS B 312 4.24 13.04 -6.97
CA CYS B 312 4.06 12.66 -8.35
C CYS B 312 2.61 12.23 -8.59
N LEU B 313 2.07 12.74 -9.70
CA LEU B 313 0.78 12.35 -10.23
C LEU B 313 0.89 11.07 -11.08
N PHE B 314 0.06 10.07 -10.81
CA PHE B 314 0.07 8.81 -11.55
C PHE B 314 -1.38 8.47 -11.93
N GLN B 315 -1.71 8.56 -13.21
CA GLN B 315 -3.11 8.42 -13.67
C GLN B 315 -4.09 9.24 -12.82
N GLN B 316 -4.94 8.56 -12.05
CA GLN B 316 -6.04 9.22 -11.34
C GLN B 316 -5.70 9.74 -9.94
N GLN B 317 -4.42 9.73 -9.56
CA GLN B 317 -4.09 9.95 -8.15
C GLN B 317 -2.73 10.62 -7.97
N TRP B 318 -2.67 11.69 -7.18
CA TRP B 318 -1.38 12.21 -6.74
C TRP B 318 -0.84 11.35 -5.59
N TYR B 319 0.46 11.13 -5.55
CA TYR B 319 1.05 10.41 -4.41
C TYR B 319 2.21 11.17 -3.80
N LEU B 320 2.33 11.02 -2.49
CA LEU B 320 3.54 11.39 -1.77
C LEU B 320 4.39 10.16 -1.61
N PHE B 321 5.64 10.26 -2.05
CA PHE B 321 6.62 9.22 -1.83
C PHE B 321 7.58 9.69 -0.76
N TYR B 322 7.92 8.83 0.19
CA TYR B 322 8.74 9.25 1.31
C TYR B 322 9.48 8.04 1.85
N HIS B 323 10.21 8.20 2.94
CA HIS B 323 10.86 7.03 3.52
C HIS B 323 10.81 7.04 5.03
N ASP B 324 11.12 5.89 5.66
CA ASP B 324 11.35 5.91 7.10
C ASP B 324 12.19 4.71 7.52
N SER B 325 12.48 4.62 8.80
CA SER B 325 13.44 3.61 9.27
C SER B 325 12.77 2.46 10.04
N VAL B 326 11.50 2.22 9.78
CA VAL B 326 10.78 1.17 10.51
C VAL B 326 11.31 -0.22 10.12
N LEU B 327 11.48 -0.48 8.83
CA LEU B 327 11.95 -1.77 8.34
C LEU B 327 13.21 -2.25 9.05
N SER B 328 14.10 -1.30 9.34
CA SER B 328 15.39 -1.63 9.94
C SER B 328 15.33 -1.58 11.47
N GLY B 329 14.14 -1.35 12.02
CA GLY B 329 13.98 -1.32 13.46
C GLY B 329 14.48 -0.01 14.04
N GLY B 330 14.34 1.07 13.27
CA GLY B 330 14.63 2.39 13.77
C GLY B 330 16.02 2.89 13.42
N GLN B 331 16.71 2.22 12.51
CA GLN B 331 18.07 2.65 12.18
C GLN B 331 18.06 3.77 11.13
N THR B 332 18.54 4.94 11.52
CA THR B 332 18.49 6.13 10.68
C THR B 332 19.12 5.93 9.30
N HIS B 333 20.21 5.16 9.24
CA HIS B 333 20.92 5.01 7.98
C HIS B 333 20.40 3.83 7.16
N LEU B 334 19.33 3.17 7.63
CA LEU B 334 18.81 2.04 6.90
C LEU B 334 17.31 2.21 6.66
N ARG B 335 16.96 2.75 5.49
CA ARG B 335 15.62 3.26 5.26
C ARG B 335 14.88 2.39 4.25
N SER B 336 13.58 2.63 4.12
CA SER B 336 12.78 2.03 3.08
C SER B 336 11.77 3.06 2.60
N ILE B 337 11.61 3.15 1.28
CA ILE B 337 10.66 4.10 0.73
C ILE B 337 9.22 3.59 0.85
N LYS B 338 8.30 4.54 0.83
CA LYS B 338 6.87 4.30 1.03
C LYS B 338 6.09 5.24 0.14
N MET B 339 4.80 4.96 -0.06
CA MET B 339 3.98 5.91 -0.79
C MET B 339 2.61 5.99 -0.14
N ALA B 340 1.96 7.14 -0.31
CA ALA B 340 0.63 7.39 0.25
C ALA B 340 -0.10 8.33 -0.69
N PRO B 341 -1.44 8.16 -0.80
CA PRO B 341 -2.22 9.06 -1.64
C PRO B 341 -2.19 10.50 -1.11
N LEU B 342 -2.02 11.45 -2.00
CA LEU B 342 -1.98 12.87 -1.63
C LEU B 342 -3.17 13.61 -2.25
N ALA B 343 -3.75 14.57 -1.52
CA ALA B 343 -4.85 15.38 -2.05
C ALA B 343 -4.59 16.88 -2.01
N HIS B 344 -4.89 17.55 -3.13
CA HIS B 344 -4.91 19.01 -3.20
C HIS B 344 -6.36 19.43 -3.03
N ALA B 345 -6.63 20.33 -2.09
CA ALA B 345 -7.99 20.84 -1.89
C ALA B 345 -8.32 21.86 -2.98
N ALA B 346 -9.60 22.24 -3.11
CA ALA B 346 -9.98 23.21 -4.13
C ALA B 346 -9.17 24.50 -4.06
N ASP B 347 -8.79 24.92 -2.84
CA ASP B 347 -8.03 26.15 -2.66
C ASP B 347 -6.52 25.97 -2.86
N GLY B 348 -6.09 24.79 -3.28
CA GLY B 348 -4.67 24.57 -3.56
C GLY B 348 -3.87 23.93 -2.42
N THR B 349 -4.40 23.98 -1.20
CA THR B 349 -3.67 23.50 -0.04
C THR B 349 -3.57 21.98 0.00
N ILE B 350 -2.51 21.46 0.60
CA ILE B 350 -2.34 20.02 0.75
C ILE B 350 -2.44 19.68 2.22
N ALA B 351 -3.31 18.74 2.56
CA ALA B 351 -3.50 18.42 3.96
C ALA B 351 -2.31 17.59 4.45
N THR B 352 -1.97 17.75 5.72
CA THR B 352 -0.85 17.02 6.31
C THR B 352 -1.08 15.52 6.30
N ILE B 353 -0.05 14.78 5.93
CA ILE B 353 -0.08 13.34 5.98
C ILE B 353 0.68 12.86 7.20
N TYR B 354 -0.01 12.07 8.03
CA TYR B 354 0.57 11.53 9.24
C TYR B 354 0.94 10.08 8.99
N PRO B 355 2.24 9.77 8.96
CA PRO B 355 2.69 8.47 8.46
C PRO B 355 2.37 7.29 9.38
N TYR B 356 1.99 7.55 10.63
CA TYR B 356 1.58 6.50 11.57
C TYR B 356 0.21 6.85 12.15
N GLY B 357 -0.50 7.75 11.48
CA GLY B 357 -1.82 8.17 11.95
C GLY B 357 -1.73 9.45 12.75
N GLU B 358 -2.74 10.30 12.64
CA GLU B 358 -2.72 11.56 13.36
C GLU B 358 -2.66 11.38 14.88
N ASP B 359 -3.15 10.26 15.37
CA ASP B 359 -3.22 10.03 16.82
C ASP B 359 -1.91 9.51 17.38
N ALA B 360 -0.97 9.16 16.49
CA ALA B 360 0.29 8.55 16.91
C ALA B 360 1.15 9.52 17.71
N VAL B 361 2.01 8.98 18.56
CA VAL B 361 2.99 9.78 19.26
C VAL B 361 4.15 10.02 18.32
N SER B 362 4.37 11.28 17.93
CA SER B 362 5.37 11.58 16.93
C SER B 362 6.74 11.05 17.36
N PRO B 363 7.49 10.42 16.45
CA PRO B 363 8.83 9.98 16.86
C PRO B 363 9.80 11.14 17.12
N TRP B 364 9.45 12.36 16.73
CA TRP B 364 10.32 13.53 16.92
C TRP B 364 9.53 14.72 17.45
CA CA C . -15.80 -14.38 2.70
O1 XYP D . -14.08 -18.24 11.96
C1 XYP D . -14.12 -16.95 11.48
C2 XYP D . -15.21 -16.83 10.42
C3 XYP D . -15.56 -15.42 10.13
C4 XYP D . -15.77 -14.60 11.36
C5 XYP D . -14.56 -14.59 12.28
O2 XYP D . -14.77 -17.51 9.21
O3 XYP D . -16.82 -15.41 9.42
O4 XYP D . -16.16 -13.27 11.02
O5 XYP D . -14.20 -15.99 12.63
C1 PEG E . -34.30 -25.15 -0.29
O1 PEG E . -35.41 -25.11 0.49
C2 PEG E . -34.38 -24.05 -1.30
O2 PEG E . -34.42 -24.57 -2.62
C3 PEG E . -35.06 -23.68 -3.55
C4 PEG E . -35.02 -24.20 -4.97
O4 PEG E . -35.62 -25.46 -5.11
C1 PEG F . -10.66 -13.29 -17.62
O1 PEG F . -9.50 -13.86 -18.02
C2 PEG F . -10.25 -12.19 -16.68
O2 PEG F . -8.90 -11.94 -16.97
C3 PEG F . -8.11 -11.50 -15.85
C4 PEG F . -7.23 -10.37 -16.33
O4 PEG F . -5.91 -10.83 -16.46
C1 PEG G . -31.75 -26.80 12.83
O1 PEG G . -31.73 -27.33 14.09
C2 PEG G . -30.53 -25.92 12.67
O2 PEG G . -30.20 -25.74 11.29
C3 PEG G . -30.93 -24.71 10.61
C4 PEG G . -31.75 -25.28 9.48
O4 PEG G . -32.98 -24.59 9.37
C1 GOL H . -7.04 0.62 16.89
O1 GOL H . -5.97 1.52 16.68
C2 GOL H . -8.35 1.35 16.67
O2 GOL H . -9.17 0.59 15.81
C3 GOL H . -9.12 1.50 17.98
O3 GOL H . -10.50 1.49 17.66
C1 GOL I . -16.61 -8.61 -9.77
O1 GOL I . -16.00 -7.68 -8.91
C2 GOL I . -18.08 -8.25 -9.93
O2 GOL I . -18.24 -6.99 -10.55
C3 GOL I . -18.64 -8.13 -8.52
O3 GOL I . -19.50 -9.20 -8.22
CA CA J . 15.18 14.42 -3.72
O1 XYP K . 21.09 14.20 4.75
C1 XYP K . 20.48 13.27 3.94
C2 XYP K . 20.64 13.68 2.49
C3 XYP K . 20.37 12.56 1.57
C4 XYP K . 21.12 11.31 1.90
C5 XYP K . 20.74 10.84 3.28
O2 XYP K . 19.74 14.75 2.14
O3 XYP K . 20.83 13.02 0.29
O4 XYP K . 20.76 10.28 0.96
O5 XYP K . 21.02 11.91 4.24
C1 PEG L . 27.53 27.54 -15.65
O1 PEG L . 28.40 27.95 -14.69
C2 PEG L . 26.67 28.69 -16.12
O2 PEG L . 26.15 28.50 -17.43
C3 PEG L . 25.44 29.65 -17.94
C4 PEG L . 26.39 30.80 -18.18
O4 PEG L . 25.66 31.96 -18.51
C1 PEG M . -4.64 16.73 -11.50
O1 PEG M . -4.72 17.01 -10.19
C2 PEG M . -4.24 18.00 -12.18
O2 PEG M . -3.13 18.56 -11.52
C3 PEG M . -2.79 19.85 -12.05
C4 PEG M . -4.05 20.68 -12.24
O4 PEG M . -3.70 21.92 -12.79
C1 PEG N . 33.32 23.57 -7.03
O1 PEG N . 34.16 23.65 -8.10
C2 PEG N . 34.17 23.37 -5.81
O2 PEG N . 33.39 23.22 -4.63
C3 PEG N . 34.08 23.73 -3.48
C4 PEG N . 35.56 23.45 -3.56
O4 PEG N . 36.12 23.36 -2.27
#